data_165D
# 
_entry.id   165D 
# 
_audit_conform.dict_name       mmcif_pdbx.dic 
_audit_conform.dict_version    5.385 
_audit_conform.dict_location   http://mmcif.pdb.org/dictionaries/ascii/mmcif_pdbx.dic 
# 
loop_
_database_2.database_id 
_database_2.database_code 
_database_2.pdbx_database_accession 
_database_2.pdbx_DOI 
PDB   165D         pdb_0000165d 10.2210/pdb165d/pdb 
RCSB  AHIB53       ?            ?                   
WWPDB D_1000170146 ?            ?                   
# 
loop_
_pdbx_audit_revision_history.ordinal 
_pdbx_audit_revision_history.data_content_type 
_pdbx_audit_revision_history.major_revision 
_pdbx_audit_revision_history.minor_revision 
_pdbx_audit_revision_history.revision_date 
1 'Structure model' 1 0 1994-08-31 
2 'Structure model' 1 1 2008-05-22 
3 'Structure model' 1 2 2011-07-13 
4 'Structure model' 1 3 2018-04-18 
5 'Structure model' 1 4 2024-02-07 
# 
_pdbx_audit_revision_details.ordinal             1 
_pdbx_audit_revision_details.revision_ordinal    1 
_pdbx_audit_revision_details.data_content_type   'Structure model' 
_pdbx_audit_revision_details.provider            repository 
_pdbx_audit_revision_details.type                'Initial release' 
_pdbx_audit_revision_details.description         ? 
_pdbx_audit_revision_details.details             ? 
# 
loop_
_pdbx_audit_revision_group.ordinal 
_pdbx_audit_revision_group.revision_ordinal 
_pdbx_audit_revision_group.data_content_type 
_pdbx_audit_revision_group.group 
1 2 'Structure model' 'Version format compliance' 
2 3 'Structure model' 'Version format compliance' 
3 4 'Structure model' 'Data collection'           
4 5 'Structure model' 'Data collection'           
5 5 'Structure model' 'Database references'       
6 5 'Structure model' 'Derived calculations'      
# 
loop_
_pdbx_audit_revision_category.ordinal 
_pdbx_audit_revision_category.revision_ordinal 
_pdbx_audit_revision_category.data_content_type 
_pdbx_audit_revision_category.category 
1 4 'Structure model' diffrn_detector              
2 5 'Structure model' chem_comp_atom               
3 5 'Structure model' chem_comp_bond               
4 5 'Structure model' database_2                   
5 5 'Structure model' pdbx_struct_special_symmetry 
6 5 'Structure model' struct_conn                  
7 5 'Structure model' struct_site                  
# 
loop_
_pdbx_audit_revision_item.ordinal 
_pdbx_audit_revision_item.revision_ordinal 
_pdbx_audit_revision_item.data_content_type 
_pdbx_audit_revision_item.item 
1 4 'Structure model' '_diffrn_detector.detector'           
2 5 'Structure model' '_database_2.pdbx_DOI'                
3 5 'Structure model' '_database_2.pdbx_database_accession' 
4 5 'Structure model' '_struct_conn.pdbx_leaving_atom_flag' 
5 5 'Structure model' '_struct_site.pdbx_auth_asym_id'      
6 5 'Structure model' '_struct_site.pdbx_auth_comp_id'      
7 5 'Structure model' '_struct_site.pdbx_auth_seq_id'       
# 
_pdbx_database_status.status_code                     REL 
_pdbx_database_status.entry_id                        165D 
_pdbx_database_status.recvd_initial_deposition_date   1994-03-21 
_pdbx_database_status.deposit_site                    BNL 
_pdbx_database_status.process_site                    NDB 
_pdbx_database_status.SG_entry                        . 
_pdbx_database_status.pdb_format_compatible           Y 
_pdbx_database_status.status_code_mr                  ? 
_pdbx_database_status.status_code_sf                  ? 
_pdbx_database_status.status_code_cs                  ? 
_pdbx_database_status.methods_development_category    ? 
_pdbx_database_status.status_code_nmr_data            ? 
# 
loop_
_audit_author.name 
_audit_author.pdbx_ordinal 
'Cruse, W.'      1 
'Saludjian, P.'  2 
'Biala, E.'      3 
'Strazewski, P.' 4 
'Prange, T.'     5 
'Kennard, O.'    6 
# 
_citation.id                        primary 
_citation.title                     
'Structure of a mispaired RNA double helix at 1.6-A resolution and implications for the prediction of RNA secondary structure.' 
_citation.journal_abbrev            Proc.Natl.Acad.Sci.USA 
_citation.journal_volume            91 
_citation.page_first                4160 
_citation.page_last                 4164 
_citation.year                      1994 
_citation.journal_id_ASTM           PNASA6 
_citation.country                   US 
_citation.journal_id_ISSN           0027-8424 
_citation.journal_id_CSD            0040 
_citation.book_publisher            ? 
_citation.pdbx_database_id_PubMed   7514296 
_citation.pdbx_database_id_DOI      10.1073/pnas.91.10.4160 
# 
loop_
_citation_author.citation_id 
_citation_author.name 
_citation_author.ordinal 
_citation_author.identifier_ORCID 
primary 'Cruse, W.B.'    1 ? 
primary 'Saludjian, P.'  2 ? 
primary 'Biala, E.'      3 ? 
primary 'Strazewski, P.' 4 ? 
primary 'Prange, T.'     5 ? 
primary 'Kennard, O.'    6 ? 
# 
loop_
_entity.id 
_entity.type 
_entity.src_method 
_entity.pdbx_description 
_entity.formula_weight 
_entity.pdbx_number_of_molecules 
_entity.pdbx_ec 
_entity.pdbx_mutation 
_entity.pdbx_fragment 
_entity.details 
1 polymer     syn 
;DNA/RNA (5'-R(*GP*CP*UP*UP*CP*GP*GP*CP*)-D(*(BRU))-3')
;
2887.600 2  ? ? ? ? 
2 non-polymer syn 'RHODIUM HEXAMINE ION'                                   205.089  4  ? ? ? ? 
3 water       nat water                                                    18.015   54 ? ? ? ? 
# 
_entity_poly.entity_id                      1 
_entity_poly.type                           polyribonucleotide 
_entity_poly.nstd_linkage                   no 
_entity_poly.nstd_monomer                   yes 
_entity_poly.pdbx_seq_one_letter_code       'GCUUCGGC(BRU)' 
_entity_poly.pdbx_seq_one_letter_code_can   GCUUCGGCU 
_entity_poly.pdbx_strand_id                 A,B 
_entity_poly.pdbx_target_identifier         ? 
# 
loop_
_pdbx_entity_nonpoly.entity_id 
_pdbx_entity_nonpoly.name 
_pdbx_entity_nonpoly.comp_id 
2 'RHODIUM HEXAMINE ION' RHD 
3 water                  HOH 
# 
loop_
_entity_poly_seq.entity_id 
_entity_poly_seq.num 
_entity_poly_seq.mon_id 
_entity_poly_seq.hetero 
1 1 G   n 
1 2 C   n 
1 3 U   n 
1 4 U   n 
1 5 C   n 
1 6 G   n 
1 7 G   n 
1 8 C   n 
1 9 BRU n 
# 
loop_
_chem_comp.id 
_chem_comp.type 
_chem_comp.mon_nstd_flag 
_chem_comp.name 
_chem_comp.pdbx_synonyms 
_chem_comp.formula 
_chem_comp.formula_weight 
BRU 'DNA linking' n "5-BROMO-2'-DEOXYURIDINE-5'-MONOPHOSPHATE" ? 'C9 H12 Br N2 O8 P' 387.078 
C   'RNA linking' y "CYTIDINE-5'-MONOPHOSPHATE"                ? 'C9 H14 N3 O8 P'    323.197 
G   'RNA linking' y "GUANOSINE-5'-MONOPHOSPHATE"               ? 'C10 H14 N5 O8 P'   363.221 
HOH non-polymer   . WATER                                      ? 'H2 O'              18.015  
RHD non-polymer   . 'RHODIUM HEXAMINE ION'                     ? 'H18 N6 Rh 3'       205.089 
U   'RNA linking' y "URIDINE-5'-MONOPHOSPHATE"                 ? 'C9 H13 N2 O9 P'    324.181 
# 
loop_
_pdbx_poly_seq_scheme.asym_id 
_pdbx_poly_seq_scheme.entity_id 
_pdbx_poly_seq_scheme.seq_id 
_pdbx_poly_seq_scheme.mon_id 
_pdbx_poly_seq_scheme.ndb_seq_num 
_pdbx_poly_seq_scheme.pdb_seq_num 
_pdbx_poly_seq_scheme.auth_seq_num 
_pdbx_poly_seq_scheme.pdb_mon_id 
_pdbx_poly_seq_scheme.auth_mon_id 
_pdbx_poly_seq_scheme.pdb_strand_id 
_pdbx_poly_seq_scheme.pdb_ins_code 
_pdbx_poly_seq_scheme.hetero 
A 1 1 G   1 1  1  G   G  A . n 
A 1 2 C   2 2  2  C   C  A . n 
A 1 3 U   3 3  3  U   U  A . n 
A 1 4 U   4 4  4  U   U  A . n 
A 1 5 C   5 5  5  C   C  A . n 
A 1 6 G   6 6  6  G   G  A . n 
A 1 7 G   7 7  7  G   G  A . n 
A 1 8 C   8 8  8  C   C  A . n 
A 1 9 BRU 9 9  9  BRU +U A . n 
B 1 1 G   1 10 10 G   G  B . n 
B 1 2 C   2 11 11 C   C  B . n 
B 1 3 U   3 12 12 U   U  B . n 
B 1 4 U   4 13 13 U   U  B . n 
B 1 5 C   5 14 14 C   C  B . n 
B 1 6 G   6 15 15 G   G  B . n 
B 1 7 G   7 16 16 G   G  B . n 
B 1 8 C   8 17 17 C   C  B . n 
B 1 9 BRU 9 18 18 BRU +U B . n 
# 
loop_
_pdbx_nonpoly_scheme.asym_id 
_pdbx_nonpoly_scheme.entity_id 
_pdbx_nonpoly_scheme.mon_id 
_pdbx_nonpoly_scheme.ndb_seq_num 
_pdbx_nonpoly_scheme.pdb_seq_num 
_pdbx_nonpoly_scheme.auth_seq_num 
_pdbx_nonpoly_scheme.pdb_mon_id 
_pdbx_nonpoly_scheme.auth_mon_id 
_pdbx_nonpoly_scheme.pdb_strand_id 
_pdbx_nonpoly_scheme.pdb_ins_code 
C 2 RHD 1  19 19 RHD RHD A . 
D 2 RHD 1  20 20 RHD RHD A . 
E 2 RHD 1  22 22 RHD RHD A . 
F 2 RHD 1  21 21 RHD RHD B . 
G 3 HOH 1  23 23 HOH HOH A . 
G 3 HOH 2  25 25 HOH HOH A . 
G 3 HOH 3  26 26 HOH HOH A . 
G 3 HOH 4  27 27 HOH HOH A . 
G 3 HOH 5  28 28 HOH HOH A . 
G 3 HOH 6  29 29 HOH HOH A . 
G 3 HOH 7  30 30 HOH HOH A . 
G 3 HOH 8  31 31 HOH HOH A . 
G 3 HOH 9  33 33 HOH HOH A . 
G 3 HOH 10 35 35 HOH HOH A . 
G 3 HOH 11 36 36 HOH HOH A . 
G 3 HOH 12 37 37 HOH HOH A . 
G 3 HOH 13 38 38 HOH HOH A . 
G 3 HOH 14 41 41 HOH HOH A . 
G 3 HOH 15 43 43 HOH HOH A . 
G 3 HOH 16 47 47 HOH HOH A . 
G 3 HOH 17 48 48 HOH HOH A . 
G 3 HOH 18 51 51 HOH HOH A . 
G 3 HOH 19 53 53 HOH HOH A . 
G 3 HOH 20 54 54 HOH HOH A . 
G 3 HOH 21 56 56 HOH HOH A . 
G 3 HOH 22 57 57 HOH HOH A . 
G 3 HOH 23 59 59 HOH HOH A . 
G 3 HOH 24 60 60 HOH HOH A . 
G 3 HOH 25 61 61 HOH HOH A . 
G 3 HOH 26 63 63 HOH HOH A . 
G 3 HOH 27 64 64 HOH HOH A . 
G 3 HOH 28 65 65 HOH HOH A . 
G 3 HOH 29 66 66 HOH HOH A . 
G 3 HOH 30 73 73 HOH HOH A . 
G 3 HOH 31 74 74 HOH HOH A . 
H 3 HOH 1  24 24 HOH HOH B . 
H 3 HOH 2  32 32 HOH HOH B . 
H 3 HOH 3  34 34 HOH HOH B . 
H 3 HOH 4  39 39 HOH HOH B . 
H 3 HOH 5  40 40 HOH HOH B . 
H 3 HOH 6  42 42 HOH HOH B . 
H 3 HOH 7  44 44 HOH HOH B . 
H 3 HOH 8  45 45 HOH HOH B . 
H 3 HOH 9  46 46 HOH HOH B . 
H 3 HOH 10 49 49 HOH HOH B . 
H 3 HOH 11 50 50 HOH HOH B . 
H 3 HOH 12 52 52 HOH HOH B . 
H 3 HOH 13 55 55 HOH HOH B . 
H 3 HOH 14 58 58 HOH HOH B . 
H 3 HOH 15 62 62 HOH HOH B . 
H 3 HOH 16 67 67 HOH HOH B . 
H 3 HOH 17 68 68 HOH HOH B . 
H 3 HOH 18 69 69 HOH HOH B . 
H 3 HOH 19 70 70 HOH HOH B . 
H 3 HOH 20 71 71 HOH HOH B . 
H 3 HOH 21 72 72 HOH HOH B . 
H 3 HOH 22 75 75 HOH HOH B . 
H 3 HOH 23 76 76 HOH HOH B . 
# 
_software.name             X-PLOR 
_software.classification   refinement 
_software.version          . 
_software.citation_id      ? 
_software.pdbx_ordinal     1 
# 
_cell.entry_id           165D 
_cell.length_a           53.800 
_cell.length_b           19.400 
_cell.length_c           50.140 
_cell.angle_alpha        90.00 
_cell.angle_beta         109.90 
_cell.angle_gamma        90.00 
_cell.Z_PDB              8 
_cell.pdbx_unique_axis   ? 
# 
_symmetry.entry_id                         165D 
_symmetry.space_group_name_H-M             'C 1 2 1' 
_symmetry.pdbx_full_space_group_name_H-M   ? 
_symmetry.cell_setting                     ? 
_symmetry.Int_Tables_number                5 
# 
_exptl.entry_id          165D 
_exptl.method            'X-RAY DIFFRACTION' 
_exptl.crystals_number   ? 
# 
_exptl_crystal.id                    1 
_exptl_crystal.density_meas          ? 
_exptl_crystal.density_Matthews      2.13 
_exptl_crystal.density_percent_sol   42.26 
_exptl_crystal.description           ? 
# 
_exptl_crystal_grow.crystal_id      1 
_exptl_crystal_grow.method          'VAPOR DIFFUSION, SITTING DROP' 
_exptl_crystal_grow.temp            277.00 
_exptl_crystal_grow.temp_details    ? 
_exptl_crystal_grow.pH              6.30 
_exptl_crystal_grow.pdbx_details    'pH 6.30, VAPOR DIFFUSION, SITTING DROP, temperature 277.00K' 
_exptl_crystal_grow.pdbx_pH_range   ? 
# 
loop_
_exptl_crystal_grow_comp.crystal_id 
_exptl_crystal_grow_comp.id 
_exptl_crystal_grow_comp.sol_id 
_exptl_crystal_grow_comp.name 
_exptl_crystal_grow_comp.volume 
_exptl_crystal_grow_comp.conc 
_exptl_crystal_grow_comp.details 
1 1 1 WATER           ? ? ? 
1 2 1 'LI CACODYLATE' ? ? ? 
1 3 1 '[RH(NH3)6]CL3' ? ? ? 
# 
loop_
_diffrn.id 
_diffrn.crystal_id 
_diffrn.ambient_temp 
_diffrn.ambient_temp_details 
1 1 ? ? 
2 1 ? ? 
# 
loop_
_diffrn_detector.diffrn_id 
_diffrn_detector.detector 
_diffrn_detector.type 
_diffrn_detector.pdbx_collection_date 
_diffrn_detector.details 
1 'IMAGE PLATE'  MARRESEARCH         ? ? 
2 DIFFRACTOMETER 'ENRAF-NONIUS FAST' ? ? 
# 
loop_
_diffrn_radiation.diffrn_id 
_diffrn_radiation.wavelength_id 
_diffrn_radiation.pdbx_monochromatic_or_laue_m_l 
_diffrn_radiation.monochromator 
_diffrn_radiation.pdbx_diffrn_protocol 
_diffrn_radiation.pdbx_scattering_type 
1 1 M ? ? x-ray 
2 2 M ? ? x-ray 
# 
loop_
_diffrn_radiation_wavelength.id 
_diffrn_radiation_wavelength.wavelength 
_diffrn_radiation_wavelength.wt 
1 . 1.0 
2 . 1.0 
# 
loop_
_diffrn_source.diffrn_id 
_diffrn_source.source 
_diffrn_source.type 
_diffrn_source.pdbx_synchrotron_site 
_diffrn_source.pdbx_synchrotron_beamline 
_diffrn_source.pdbx_wavelength 
_diffrn_source.pdbx_wavelength_list 
1 SYNCHROTRON LURE LURE ? ? ? 
2 ?           ?    ?    ? ? ? 
# 
_reflns.entry_id                     165D 
_reflns.observed_criterion_sigma_I   ? 
_reflns.observed_criterion_sigma_F   2.000 
_reflns.d_resolution_low             ? 
_reflns.d_resolution_high            1.600 
_reflns.number_obs                   6093 
_reflns.number_all                   ? 
_reflns.percent_possible_obs         ? 
_reflns.pdbx_Rmerge_I_obs            ? 
_reflns.pdbx_Rsym_value              ? 
_reflns.pdbx_netI_over_sigmaI        ? 
_reflns.B_iso_Wilson_estimate        ? 
_reflns.pdbx_redundancy              ? 
_reflns.pdbx_diffrn_id               1,2 
_reflns.pdbx_ordinal                 1 
# 
_refine.entry_id                                 165D 
_refine.ls_number_reflns_obs                     6098 
_refine.ls_number_reflns_all                     ? 
_refine.pdbx_ls_sigma_I                          ? 
_refine.pdbx_ls_sigma_F                          2.000 
_refine.pdbx_data_cutoff_high_absF               ? 
_refine.pdbx_data_cutoff_low_absF                ? 
_refine.pdbx_data_cutoff_high_rms_absF           ? 
_refine.ls_d_res_low                             10.000 
_refine.ls_d_res_high                            1.550 
_refine.ls_percent_reflns_obs                    ? 
_refine.ls_R_factor_obs                          0.18 
_refine.ls_R_factor_all                          ? 
_refine.ls_R_factor_R_work                       0.18 
_refine.ls_R_factor_R_free                       ? 
_refine.ls_R_factor_R_free_error                 ? 
_refine.ls_R_factor_R_free_error_details         ? 
_refine.ls_percent_reflns_R_free                 ? 
_refine.ls_number_reflns_R_free                  ? 
_refine.ls_number_parameters                     ? 
_refine.ls_number_restraints                     ? 
_refine.occupancy_min                            ? 
_refine.occupancy_max                            ? 
_refine.B_iso_mean                               ? 
_refine.aniso_B[1][1]                            ? 
_refine.aniso_B[2][2]                            ? 
_refine.aniso_B[3][3]                            ? 
_refine.aniso_B[1][2]                            ? 
_refine.aniso_B[1][3]                            ? 
_refine.aniso_B[2][3]                            ? 
_refine.solvent_model_details                    ? 
_refine.solvent_model_param_ksol                 ? 
_refine.solvent_model_param_bsol                 ? 
_refine.pdbx_ls_cross_valid_method               ? 
_refine.details                                  ? 
_refine.pdbx_starting_model                      ? 
_refine.pdbx_method_to_determine_struct          ? 
_refine.pdbx_isotropic_thermal_model             ? 
_refine.pdbx_stereochemistry_target_values       ? 
_refine.pdbx_stereochem_target_val_spec_case     ? 
_refine.pdbx_R_Free_selection_details            ? 
_refine.pdbx_overall_ESU_R                       ? 
_refine.pdbx_overall_ESU_R_Free                  ? 
_refine.overall_SU_ML                            ? 
_refine.overall_SU_B                             ? 
_refine.pdbx_refine_id                           'X-RAY DIFFRACTION' 
_refine.pdbx_diffrn_id                           1 
_refine.pdbx_TLS_residual_ADP_flag               ? 
_refine.correlation_coeff_Fo_to_Fc               ? 
_refine.correlation_coeff_Fo_to_Fc_free          ? 
_refine.pdbx_solvent_vdw_probe_radii             ? 
_refine.pdbx_solvent_ion_probe_radii             ? 
_refine.pdbx_solvent_shrinkage_radii             ? 
_refine.pdbx_overall_phase_error                 ? 
_refine.overall_SU_R_Cruickshank_DPI             ? 
_refine.pdbx_overall_SU_R_free_Cruickshank_DPI   ? 
_refine.pdbx_overall_SU_R_Blow_DPI               ? 
_refine.pdbx_overall_SU_R_free_Blow_DPI          ? 
# 
_refine_hist.pdbx_refine_id                   'X-RAY DIFFRACTION' 
_refine_hist.cycle_id                         LAST 
_refine_hist.pdbx_number_atoms_protein        0 
_refine_hist.pdbx_number_atoms_nucleic_acid   389 
_refine_hist.pdbx_number_atoms_ligand         31 
_refine_hist.number_atoms_solvent             54 
_refine_hist.number_atoms_total               474 
_refine_hist.d_res_high                       1.550 
_refine_hist.d_res_low                        10.000 
# 
loop_
_refine_ls_restr.type 
_refine_ls_restr.dev_ideal 
_refine_ls_restr.dev_ideal_target 
_refine_ls_restr.weight 
_refine_ls_restr.number 
_refine_ls_restr.pdbx_refine_id 
_refine_ls_restr.pdbx_restraint_function 
x_bond_d                0.017 ? ? ? 'X-RAY DIFFRACTION' ? 
x_bond_d_na             ?     ? ? ? 'X-RAY DIFFRACTION' ? 
x_bond_d_prot           ?     ? ? ? 'X-RAY DIFFRACTION' ? 
x_angle_d               0.030 ? ? ? 'X-RAY DIFFRACTION' ? 
x_angle_d_na            ?     ? ? ? 'X-RAY DIFFRACTION' ? 
x_angle_d_prot          ?     ? ? ? 'X-RAY DIFFRACTION' ? 
x_angle_deg             2.10  ? ? ? 'X-RAY DIFFRACTION' ? 
x_angle_deg_na          ?     ? ? ? 'X-RAY DIFFRACTION' ? 
x_angle_deg_prot        ?     ? ? ? 'X-RAY DIFFRACTION' ? 
x_dihedral_angle_d      ?     ? ? ? 'X-RAY DIFFRACTION' ? 
x_dihedral_angle_d_na   ?     ? ? ? 'X-RAY DIFFRACTION' ? 
x_dihedral_angle_d_prot ?     ? ? ? 'X-RAY DIFFRACTION' ? 
x_improper_angle_d      ?     ? ? ? 'X-RAY DIFFRACTION' ? 
x_improper_angle_d_na   ?     ? ? ? 'X-RAY DIFFRACTION' ? 
x_improper_angle_d_prot ?     ? ? ? 'X-RAY DIFFRACTION' ? 
x_mcbond_it             ?     ? ? ? 'X-RAY DIFFRACTION' ? 
x_mcangle_it            ?     ? ? ? 'X-RAY DIFFRACTION' ? 
x_scbond_it             ?     ? ? ? 'X-RAY DIFFRACTION' ? 
x_scangle_it            ?     ? ? ? 'X-RAY DIFFRACTION' ? 
# 
_struct.entry_id                  165D 
_struct.title                     
;THE STRUCTURE OF A MISPAIRED RNA DOUBLE HELIX AT 1.6 ANGSTROMS RESOLUTION AND IMPLICATIONS FOR THE PREDICTION OF RNA SECONDARY STRUCTURE
;
_struct.pdbx_model_details        ? 
_struct.pdbx_CASP_flag            ? 
_struct.pdbx_model_type_details   ? 
# 
_struct_keywords.entry_id        165D 
_struct_keywords.pdbx_keywords   'DNA-RNA HYBRID' 
_struct_keywords.text            'A-DNA/RNA, DOUBLE HELIX, OVERHANGING BASES, MODIFIED, MISMATCHED, DNA-RNA HYBRID' 
# 
loop_
_struct_asym.id 
_struct_asym.pdbx_blank_PDB_chainid_flag 
_struct_asym.pdbx_modified 
_struct_asym.entity_id 
_struct_asym.details 
A N N 1 ? 
B N N 1 ? 
C N N 2 ? 
D N N 2 ? 
E N N 2 ? 
F N N 2 ? 
G N N 3 ? 
H N N 3 ? 
# 
_struct_ref.id                         1 
_struct_ref.entity_id                  1 
_struct_ref.db_name                    PDB 
_struct_ref.db_code                    165D 
_struct_ref.pdbx_db_accession          165D 
_struct_ref.pdbx_db_isoform            ? 
_struct_ref.pdbx_seq_one_letter_code   ? 
_struct_ref.pdbx_align_begin           ? 
# 
loop_
_struct_ref_seq.align_id 
_struct_ref_seq.ref_id 
_struct_ref_seq.pdbx_PDB_id_code 
_struct_ref_seq.pdbx_strand_id 
_struct_ref_seq.seq_align_beg 
_struct_ref_seq.pdbx_seq_align_beg_ins_code 
_struct_ref_seq.seq_align_end 
_struct_ref_seq.pdbx_seq_align_end_ins_code 
_struct_ref_seq.pdbx_db_accession 
_struct_ref_seq.db_align_beg 
_struct_ref_seq.pdbx_db_align_beg_ins_code 
_struct_ref_seq.db_align_end 
_struct_ref_seq.pdbx_db_align_end_ins_code 
_struct_ref_seq.pdbx_auth_seq_align_beg 
_struct_ref_seq.pdbx_auth_seq_align_end 
1 1 165D A 1 ? 9 ? 165D 1  ? 9  ? 1  9  
2 1 165D B 1 ? 9 ? 165D 10 ? 18 ? 10 18 
# 
_pdbx_struct_assembly.id                   1 
_pdbx_struct_assembly.details              author_defined_assembly 
_pdbx_struct_assembly.method_details       ? 
_pdbx_struct_assembly.oligomeric_details   dimeric 
_pdbx_struct_assembly.oligomeric_count     2 
# 
_pdbx_struct_assembly_gen.assembly_id       1 
_pdbx_struct_assembly_gen.oper_expression   1 
_pdbx_struct_assembly_gen.asym_id_list      A,B,C,D,E,F,G,H 
# 
_pdbx_struct_oper_list.id                   1 
_pdbx_struct_oper_list.type                 'identity operation' 
_pdbx_struct_oper_list.name                 1_555 
_pdbx_struct_oper_list.symmetry_operation   x,y,z 
_pdbx_struct_oper_list.matrix[1][1]         1.0000000000 
_pdbx_struct_oper_list.matrix[1][2]         0.0000000000 
_pdbx_struct_oper_list.matrix[1][3]         0.0000000000 
_pdbx_struct_oper_list.vector[1]            0.0000000000 
_pdbx_struct_oper_list.matrix[2][1]         0.0000000000 
_pdbx_struct_oper_list.matrix[2][2]         1.0000000000 
_pdbx_struct_oper_list.matrix[2][3]         0.0000000000 
_pdbx_struct_oper_list.vector[2]            0.0000000000 
_pdbx_struct_oper_list.matrix[3][1]         0.0000000000 
_pdbx_struct_oper_list.matrix[3][2]         0.0000000000 
_pdbx_struct_oper_list.matrix[3][3]         1.0000000000 
_pdbx_struct_oper_list.vector[3]            0.0000000000 
# 
_struct_biol.id   1 
# 
loop_
_struct_conn.id 
_struct_conn.conn_type_id 
_struct_conn.pdbx_leaving_atom_flag 
_struct_conn.pdbx_PDB_id 
_struct_conn.ptnr1_label_asym_id 
_struct_conn.ptnr1_label_comp_id 
_struct_conn.ptnr1_label_seq_id 
_struct_conn.ptnr1_label_atom_id 
_struct_conn.pdbx_ptnr1_label_alt_id 
_struct_conn.pdbx_ptnr1_PDB_ins_code 
_struct_conn.pdbx_ptnr1_standard_comp_id 
_struct_conn.ptnr1_symmetry 
_struct_conn.ptnr2_label_asym_id 
_struct_conn.ptnr2_label_comp_id 
_struct_conn.ptnr2_label_seq_id 
_struct_conn.ptnr2_label_atom_id 
_struct_conn.pdbx_ptnr2_label_alt_id 
_struct_conn.pdbx_ptnr2_PDB_ins_code 
_struct_conn.ptnr1_auth_asym_id 
_struct_conn.ptnr1_auth_comp_id 
_struct_conn.ptnr1_auth_seq_id 
_struct_conn.ptnr2_auth_asym_id 
_struct_conn.ptnr2_auth_comp_id 
_struct_conn.ptnr2_auth_seq_id 
_struct_conn.ptnr2_symmetry 
_struct_conn.pdbx_ptnr3_label_atom_id 
_struct_conn.pdbx_ptnr3_label_seq_id 
_struct_conn.pdbx_ptnr3_label_comp_id 
_struct_conn.pdbx_ptnr3_label_asym_id 
_struct_conn.pdbx_ptnr3_label_alt_id 
_struct_conn.pdbx_ptnr3_PDB_ins_code 
_struct_conn.details 
_struct_conn.pdbx_dist_value 
_struct_conn.pdbx_value_order 
_struct_conn.pdbx_role 
covale1  covale both ? A C 8 "O3'" ? ? ? 1_555 A BRU 9 P  ? ? A C 8  A BRU 9  1_555 ? ? ? ? ? ? ?             1.584 ? ? 
covale2  covale both ? B C 8 "O3'" ? ? ? 1_555 B BRU 9 P  A ? B C 17 B BRU 18 1_555 ? ? ? ? ? ? ?             1.617 ? ? 
covale3  covale both ? B C 8 "O3'" ? ? ? 1_555 B BRU 9 P  B ? B C 17 B BRU 18 1_555 ? ? ? ? ? ? ?             1.632 ? ? 
hydrog1  hydrog ?    ? A G 1 N1    ? ? ? 1_555 B C   8 N3 ? ? A G 1  B C   17 1_555 ? ? ? ? ? ? WATSON-CRICK  ?     ? ? 
hydrog2  hydrog ?    ? A G 1 N2    ? ? ? 1_555 B C   8 O2 ? ? A G 1  B C   17 1_555 ? ? ? ? ? ? WATSON-CRICK  ?     ? ? 
hydrog3  hydrog ?    ? A G 1 O6    ? ? ? 1_555 B C   8 N4 ? ? A G 1  B C   17 1_555 ? ? ? ? ? ? WATSON-CRICK  ?     ? ? 
hydrog4  hydrog ?    ? A C 2 N3    ? ? ? 1_555 B G   7 N1 ? ? A C 2  B G   16 1_555 ? ? ? ? ? ? WATSON-CRICK  ?     ? ? 
hydrog5  hydrog ?    ? A C 2 N4    ? ? ? 1_555 B G   7 O6 ? ? A C 2  B G   16 1_555 ? ? ? ? ? ? WATSON-CRICK  ?     ? ? 
hydrog6  hydrog ?    ? A C 2 O2    ? ? ? 1_555 B G   7 N2 ? ? A C 2  B G   16 1_555 ? ? ? ? ? ? WATSON-CRICK  ?     ? ? 
hydrog7  hydrog ?    ? A U 3 N3    ? ? ? 1_555 B G   6 O6 ? ? A U 3  B G   15 1_555 ? ? ? ? ? ? TYPE_28_PAIR  ?     ? ? 
hydrog8  hydrog ?    ? A U 3 O2    ? ? ? 1_555 B G   6 N1 ? ? A U 3  B G   15 1_555 ? ? ? ? ? ? TYPE_28_PAIR  ?     ? ? 
hydrog9  hydrog ?    ? A U 4 O4    ? ? ? 1_555 B C   5 N4 ? ? A U 4  B C   14 1_555 ? ? ? ? ? ? 'U-C MISPAIR' ?     ? ? 
hydrog10 hydrog ?    ? A C 5 N4    ? ? ? 1_555 B U   4 O4 ? ? A C 5  B U   13 1_555 ? ? ? ? ? ? 'C-U MISPAIR' ?     ? ? 
hydrog11 hydrog ?    ? A G 6 N1    ? ? ? 1_555 B U   3 O2 ? ? A G 6  B U   12 1_555 ? ? ? ? ? ? TYPE_28_PAIR  ?     ? ? 
hydrog12 hydrog ?    ? A G 6 O6    ? ? ? 1_555 B U   3 N3 ? ? A G 6  B U   12 1_555 ? ? ? ? ? ? TYPE_28_PAIR  ?     ? ? 
hydrog13 hydrog ?    ? A G 7 N1    ? ? ? 1_555 B C   2 N3 ? ? A G 7  B C   11 1_555 ? ? ? ? ? ? WATSON-CRICK  ?     ? ? 
hydrog14 hydrog ?    ? A G 7 N2    ? ? ? 1_555 B C   2 O2 ? ? A G 7  B C   11 1_555 ? ? ? ? ? ? WATSON-CRICK  ?     ? ? 
hydrog15 hydrog ?    ? A G 7 O6    ? ? ? 1_555 B C   2 N4 ? ? A G 7  B C   11 1_555 ? ? ? ? ? ? WATSON-CRICK  ?     ? ? 
hydrog16 hydrog ?    ? A C 8 N3    ? ? ? 1_555 B G   1 N1 ? ? A C 8  B G   10 1_555 ? ? ? ? ? ? WATSON-CRICK  ?     ? ? 
hydrog17 hydrog ?    ? A C 8 N4    ? ? ? 1_555 B G   1 O6 ? ? A C 8  B G   10 1_555 ? ? ? ? ? ? WATSON-CRICK  ?     ? ? 
hydrog18 hydrog ?    ? A C 8 O2    ? ? ? 1_555 B G   1 N2 ? ? A C 8  B G   10 1_555 ? ? ? ? ? ? WATSON-CRICK  ?     ? ? 
# 
loop_
_struct_conn_type.id 
_struct_conn_type.criteria 
_struct_conn_type.reference 
covale ? ? 
hydrog ? ? 
# 
loop_
_struct_site.id 
_struct_site.pdbx_evidence_code 
_struct_site.pdbx_auth_asym_id 
_struct_site.pdbx_auth_comp_id 
_struct_site.pdbx_auth_seq_id 
_struct_site.pdbx_auth_ins_code 
_struct_site.pdbx_num_residues 
_struct_site.details 
AC1 Software A RHD 19 ? 5 'BINDING SITE FOR RESIDUE RHD A 19' 
AC2 Software A RHD 20 ? 5 'BINDING SITE FOR RESIDUE RHD A 20' 
AC3 Software B RHD 21 ? 5 'BINDING SITE FOR RESIDUE RHD B 21' 
AC4 Software A RHD 22 ? 6 'BINDING SITE FOR RESIDUE RHD A 22' 
# 
loop_
_struct_site_gen.id 
_struct_site_gen.site_id 
_struct_site_gen.pdbx_num_res 
_struct_site_gen.label_comp_id 
_struct_site_gen.label_asym_id 
_struct_site_gen.label_seq_id 
_struct_site_gen.pdbx_auth_ins_code 
_struct_site_gen.auth_comp_id 
_struct_site_gen.auth_asym_id 
_struct_site_gen.auth_seq_id 
_struct_site_gen.label_atom_id 
_struct_site_gen.label_alt_id 
_struct_site_gen.symmetry 
_struct_site_gen.details 
1  AC1 5 C   A 5 ? C   A 5  . ? 1_555 ? 
2  AC1 5 G   A 6 ? G   A 6  . ? 1_555 ? 
3  AC1 5 G   A 7 ? G   A 7  . ? 1_555 ? 
4  AC1 5 HOH G . ? HOH A 26 . ? 1_555 ? 
5  AC1 5 HOH H . ? HOH B 72 . ? 1_555 ? 
6  AC2 5 C   A 5 ? C   A 5  . ? 4_546 ? 
7  AC2 5 G   A 7 ? G   A 7  . ? 1_545 ? 
8  AC2 5 C   A 8 ? C   A 8  . ? 1_545 ? 
9  AC2 5 C   B 5 ? C   B 14 . ? 4_546 ? 
10 AC2 5 HOH H . ? HOH B 45 . ? 4_546 ? 
11 AC3 5 U   A 3 ? U   A 3  . ? 1_555 ? 
12 AC3 5 G   B 6 ? G   B 15 . ? 1_555 ? 
13 AC3 5 G   B 7 ? G   B 16 . ? 1_555 ? 
14 AC3 5 HOH H . ? HOH B 34 . ? 1_555 ? 
15 AC3 5 HOH H . ? HOH B 46 . ? 1_555 ? 
16 AC4 6 C   A 2 ? C   A 2  . ? 2_566 ? 
17 AC4 6 U   A 3 ? U   A 3  . ? 2_566 ? 
18 AC4 6 BRU A 9 ? BRU A 9  . ? 1_555 ? 
19 AC4 6 C   B 2 ? C   B 11 . ? 2_556 ? 
20 AC4 6 U   B 3 ? U   B 12 . ? 2_556 ? 
21 AC4 6 HOH H . ? HOH B 32 . ? 2_556 ? 
# 
loop_
_pdbx_validate_close_contact.id 
_pdbx_validate_close_contact.PDB_model_num 
_pdbx_validate_close_contact.auth_atom_id_1 
_pdbx_validate_close_contact.auth_asym_id_1 
_pdbx_validate_close_contact.auth_comp_id_1 
_pdbx_validate_close_contact.auth_seq_id_1 
_pdbx_validate_close_contact.PDB_ins_code_1 
_pdbx_validate_close_contact.label_alt_id_1 
_pdbx_validate_close_contact.auth_atom_id_2 
_pdbx_validate_close_contact.auth_asym_id_2 
_pdbx_validate_close_contact.auth_comp_id_2 
_pdbx_validate_close_contact.auth_seq_id_2 
_pdbx_validate_close_contact.PDB_ins_code_2 
_pdbx_validate_close_contact.label_alt_id_2 
_pdbx_validate_close_contact.dist 
1 1 O A HOH 51 ? ? O A HOH 61 ? ? 1.43 
2 1 O B HOH 50 ? ? O B HOH 71 ? ? 2.05 
# 
loop_
_pdbx_validate_rmsd_angle.id 
_pdbx_validate_rmsd_angle.PDB_model_num 
_pdbx_validate_rmsd_angle.auth_atom_id_1 
_pdbx_validate_rmsd_angle.auth_asym_id_1 
_pdbx_validate_rmsd_angle.auth_comp_id_1 
_pdbx_validate_rmsd_angle.auth_seq_id_1 
_pdbx_validate_rmsd_angle.PDB_ins_code_1 
_pdbx_validate_rmsd_angle.label_alt_id_1 
_pdbx_validate_rmsd_angle.auth_atom_id_2 
_pdbx_validate_rmsd_angle.auth_asym_id_2 
_pdbx_validate_rmsd_angle.auth_comp_id_2 
_pdbx_validate_rmsd_angle.auth_seq_id_2 
_pdbx_validate_rmsd_angle.PDB_ins_code_2 
_pdbx_validate_rmsd_angle.label_alt_id_2 
_pdbx_validate_rmsd_angle.auth_atom_id_3 
_pdbx_validate_rmsd_angle.auth_asym_id_3 
_pdbx_validate_rmsd_angle.auth_comp_id_3 
_pdbx_validate_rmsd_angle.auth_seq_id_3 
_pdbx_validate_rmsd_angle.PDB_ins_code_3 
_pdbx_validate_rmsd_angle.label_alt_id_3 
_pdbx_validate_rmsd_angle.angle_value 
_pdbx_validate_rmsd_angle.angle_target_value 
_pdbx_validate_rmsd_angle.angle_deviation 
_pdbx_validate_rmsd_angle.angle_standard_deviation 
_pdbx_validate_rmsd_angle.linker_flag 
1 1 N3    A U 3  ? ? C2    A U   3  ? ? O2    A U   3  ? ? 117.83 122.20 -4.37  0.70 N 
2 1 "O3'" A U 3  ? ? P     A U   4  ? ? OP2   A U   4  ? ? 117.53 110.50 7.03   1.10 Y 
3 1 "O4'" B U 13 ? ? "C1'" B U   13 ? ? N1    B U   13 ? ? 113.52 108.50 5.02   0.70 N 
4 1 "O3'" B C 14 ? ? P     B G   15 ? ? "O5'" B G   15 ? ? 92.37  104.00 -11.63 1.90 Y 
5 1 "O3'" B C 14 ? ? P     B G   15 ? ? OP2   B G   15 ? ? 128.59 110.50 18.09  1.10 Y 
6 1 "O3'" B G 15 ? ? P     B G   16 ? ? OP2   B G   16 ? ? 117.24 110.50 6.74   1.10 Y 
7 1 "O3'" B C 17 ? ? P     B BRU 18 ? A OP2   B BRU 18 ? A 123.90 110.50 13.40  1.10 Y 
8 1 "O3'" B C 17 ? ? P     B BRU 18 ? B OP2   B BRU 18 ? B 76.48  105.20 -28.72 2.20 Y 
9 1 "O3'" B C 17 ? ? P     B BRU 18 ? B OP1   B BRU 18 ? B 127.17 110.50 16.67  1.10 Y 
# 
loop_
_pdbx_validate_planes.id 
_pdbx_validate_planes.PDB_model_num 
_pdbx_validate_planes.auth_comp_id 
_pdbx_validate_planes.auth_asym_id 
_pdbx_validate_planes.auth_seq_id 
_pdbx_validate_planes.PDB_ins_code 
_pdbx_validate_planes.label_alt_id 
_pdbx_validate_planes.rmsd 
_pdbx_validate_planes.type 
1 1 G A 1  ? ? 0.075 'SIDE CHAIN' 
2 1 G A 7  ? ? 0.073 'SIDE CHAIN' 
3 1 C B 11 ? ? 0.072 'SIDE CHAIN' 
# 
loop_
_pdbx_struct_mod_residue.id 
_pdbx_struct_mod_residue.label_asym_id 
_pdbx_struct_mod_residue.label_comp_id 
_pdbx_struct_mod_residue.label_seq_id 
_pdbx_struct_mod_residue.auth_asym_id 
_pdbx_struct_mod_residue.auth_comp_id 
_pdbx_struct_mod_residue.auth_seq_id 
_pdbx_struct_mod_residue.PDB_ins_code 
_pdbx_struct_mod_residue.parent_comp_id 
_pdbx_struct_mod_residue.details 
1 A BRU 9 A BRU 9  ? DU ? 
2 B BRU 9 B BRU 18 ? DU ? 
# 
_pdbx_struct_special_symmetry.id              1 
_pdbx_struct_special_symmetry.PDB_model_num   1 
_pdbx_struct_special_symmetry.auth_asym_id    B 
_pdbx_struct_special_symmetry.auth_comp_id    BRU 
_pdbx_struct_special_symmetry.auth_seq_id     18 
_pdbx_struct_special_symmetry.PDB_ins_code    ? 
_pdbx_struct_special_symmetry.label_asym_id   B 
_pdbx_struct_special_symmetry.label_comp_id   BRU 
_pdbx_struct_special_symmetry.label_seq_id    9 
# 
loop_
_chem_comp_atom.comp_id 
_chem_comp_atom.atom_id 
_chem_comp_atom.type_symbol 
_chem_comp_atom.pdbx_aromatic_flag 
_chem_comp_atom.pdbx_stereo_config 
_chem_comp_atom.pdbx_ordinal 
BRU N1     N  N N 1   
BRU C2     C  N N 2   
BRU N3     N  N N 3   
BRU C4     C  N N 4   
BRU C5     C  N N 5   
BRU C6     C  N N 6   
BRU O2     O  N N 7   
BRU O4     O  N N 8   
BRU BR     BR N N 9   
BRU "C1'"  C  N R 10  
BRU "C2'"  C  N N 11  
BRU "C3'"  C  N S 12  
BRU "C4'"  C  N R 13  
BRU "O3'"  O  N N 14  
BRU "O4'"  O  N N 15  
BRU "C5'"  C  N N 16  
BRU "O5'"  O  N N 17  
BRU P      P  N N 18  
BRU OP1    O  N N 19  
BRU OP2    O  N N 20  
BRU OP3    O  N N 21  
BRU HN3    H  N N 22  
BRU H6     H  N N 23  
BRU "H1'"  H  N N 24  
BRU "H2'"  H  N N 25  
BRU "H2''" H  N N 26  
BRU "H3'"  H  N N 27  
BRU "H4'"  H  N N 28  
BRU "HO3'" H  N N 29  
BRU "H5'"  H  N N 30  
BRU "H5''" H  N N 31  
BRU HOP2   H  N N 32  
BRU HOP3   H  N N 33  
C   OP3    O  N N 34  
C   P      P  N N 35  
C   OP1    O  N N 36  
C   OP2    O  N N 37  
C   "O5'"  O  N N 38  
C   "C5'"  C  N N 39  
C   "C4'"  C  N R 40  
C   "O4'"  O  N N 41  
C   "C3'"  C  N S 42  
C   "O3'"  O  N N 43  
C   "C2'"  C  N R 44  
C   "O2'"  O  N N 45  
C   "C1'"  C  N R 46  
C   N1     N  N N 47  
C   C2     C  N N 48  
C   O2     O  N N 49  
C   N3     N  N N 50  
C   C4     C  N N 51  
C   N4     N  N N 52  
C   C5     C  N N 53  
C   C6     C  N N 54  
C   HOP3   H  N N 55  
C   HOP2   H  N N 56  
C   "H5'"  H  N N 57  
C   "H5''" H  N N 58  
C   "H4'"  H  N N 59  
C   "H3'"  H  N N 60  
C   "HO3'" H  N N 61  
C   "H2'"  H  N N 62  
C   "HO2'" H  N N 63  
C   "H1'"  H  N N 64  
C   H41    H  N N 65  
C   H42    H  N N 66  
C   H5     H  N N 67  
C   H6     H  N N 68  
G   OP3    O  N N 69  
G   P      P  N N 70  
G   OP1    O  N N 71  
G   OP2    O  N N 72  
G   "O5'"  O  N N 73  
G   "C5'"  C  N N 74  
G   "C4'"  C  N R 75  
G   "O4'"  O  N N 76  
G   "C3'"  C  N S 77  
G   "O3'"  O  N N 78  
G   "C2'"  C  N R 79  
G   "O2'"  O  N N 80  
G   "C1'"  C  N R 81  
G   N9     N  Y N 82  
G   C8     C  Y N 83  
G   N7     N  Y N 84  
G   C5     C  Y N 85  
G   C6     C  N N 86  
G   O6     O  N N 87  
G   N1     N  N N 88  
G   C2     C  N N 89  
G   N2     N  N N 90  
G   N3     N  N N 91  
G   C4     C  Y N 92  
G   HOP3   H  N N 93  
G   HOP2   H  N N 94  
G   "H5'"  H  N N 95  
G   "H5''" H  N N 96  
G   "H4'"  H  N N 97  
G   "H3'"  H  N N 98  
G   "HO3'" H  N N 99  
G   "H2'"  H  N N 100 
G   "HO2'" H  N N 101 
G   "H1'"  H  N N 102 
G   H8     H  N N 103 
G   H1     H  N N 104 
G   H21    H  N N 105 
G   H22    H  N N 106 
HOH O      O  N N 107 
HOH H1     H  N N 108 
HOH H2     H  N N 109 
RHD RH     RH N N 110 
RHD N1     N  N N 111 
RHD N2     N  N N 112 
RHD N3     N  N N 113 
RHD N4     N  N N 114 
RHD N5     N  N N 115 
RHD N6     N  N N 116 
RHD HN11   H  N N 117 
RHD HN12   H  N N 118 
RHD HN13   H  N N 119 
RHD HN21   H  N N 120 
RHD HN22   H  N N 121 
RHD HN23   H  N N 122 
RHD HN31   H  N N 123 
RHD HN32   H  N N 124 
RHD HN33   H  N N 125 
RHD HN41   H  N N 126 
RHD HN42   H  N N 127 
RHD HN43   H  N N 128 
RHD HN51   H  N N 129 
RHD HN52   H  N N 130 
RHD HN53   H  N N 131 
RHD HN61   H  N N 132 
RHD HN62   H  N N 133 
RHD HN63   H  N N 134 
U   OP3    O  N N 135 
U   P      P  N N 136 
U   OP1    O  N N 137 
U   OP2    O  N N 138 
U   "O5'"  O  N N 139 
U   "C5'"  C  N N 140 
U   "C4'"  C  N R 141 
U   "O4'"  O  N N 142 
U   "C3'"  C  N S 143 
U   "O3'"  O  N N 144 
U   "C2'"  C  N R 145 
U   "O2'"  O  N N 146 
U   "C1'"  C  N R 147 
U   N1     N  N N 148 
U   C2     C  N N 149 
U   O2     O  N N 150 
U   N3     N  N N 151 
U   C4     C  N N 152 
U   O4     O  N N 153 
U   C5     C  N N 154 
U   C6     C  N N 155 
U   HOP3   H  N N 156 
U   HOP2   H  N N 157 
U   "H5'"  H  N N 158 
U   "H5''" H  N N 159 
U   "H4'"  H  N N 160 
U   "H3'"  H  N N 161 
U   "HO3'" H  N N 162 
U   "H2'"  H  N N 163 
U   "HO2'" H  N N 164 
U   "H1'"  H  N N 165 
U   H3     H  N N 166 
U   H5     H  N N 167 
U   H6     H  N N 168 
# 
loop_
_chem_comp_bond.comp_id 
_chem_comp_bond.atom_id_1 
_chem_comp_bond.atom_id_2 
_chem_comp_bond.value_order 
_chem_comp_bond.pdbx_aromatic_flag 
_chem_comp_bond.pdbx_stereo_config 
_chem_comp_bond.pdbx_ordinal 
BRU N1    C2     sing N N 1   
BRU N1    C6     sing N N 2   
BRU N1    "C1'"  sing N N 3   
BRU C2    N3     sing N N 4   
BRU C2    O2     doub N N 5   
BRU N3    C4     sing N N 6   
BRU N3    HN3    sing N N 7   
BRU C4    C5     sing N N 8   
BRU C4    O4     doub N N 9   
BRU C5    C6     doub N N 10  
BRU C5    BR     sing N N 11  
BRU C6    H6     sing N N 12  
BRU "C1'" "C2'"  sing N N 13  
BRU "C1'" "O4'"  sing N N 14  
BRU "C1'" "H1'"  sing N N 15  
BRU "C2'" "C3'"  sing N N 16  
BRU "C2'" "H2'"  sing N N 17  
BRU "C2'" "H2''" sing N N 18  
BRU "C3'" "C4'"  sing N N 19  
BRU "C3'" "O3'"  sing N N 20  
BRU "C3'" "H3'"  sing N N 21  
BRU "C4'" "O4'"  sing N N 22  
BRU "C4'" "C5'"  sing N N 23  
BRU "C4'" "H4'"  sing N N 24  
BRU "O3'" "HO3'" sing N N 25  
BRU "C5'" "O5'"  sing N N 26  
BRU "C5'" "H5'"  sing N N 27  
BRU "C5'" "H5''" sing N N 28  
BRU "O5'" P      sing N N 29  
BRU P     OP1    doub N N 30  
BRU P     OP2    sing N N 31  
BRU P     OP3    sing N N 32  
BRU OP2   HOP2   sing N N 33  
BRU OP3   HOP3   sing N N 34  
C   OP3   P      sing N N 35  
C   OP3   HOP3   sing N N 36  
C   P     OP1    doub N N 37  
C   P     OP2    sing N N 38  
C   P     "O5'"  sing N N 39  
C   OP2   HOP2   sing N N 40  
C   "O5'" "C5'"  sing N N 41  
C   "C5'" "C4'"  sing N N 42  
C   "C5'" "H5'"  sing N N 43  
C   "C5'" "H5''" sing N N 44  
C   "C4'" "O4'"  sing N N 45  
C   "C4'" "C3'"  sing N N 46  
C   "C4'" "H4'"  sing N N 47  
C   "O4'" "C1'"  sing N N 48  
C   "C3'" "O3'"  sing N N 49  
C   "C3'" "C2'"  sing N N 50  
C   "C3'" "H3'"  sing N N 51  
C   "O3'" "HO3'" sing N N 52  
C   "C2'" "O2'"  sing N N 53  
C   "C2'" "C1'"  sing N N 54  
C   "C2'" "H2'"  sing N N 55  
C   "O2'" "HO2'" sing N N 56  
C   "C1'" N1     sing N N 57  
C   "C1'" "H1'"  sing N N 58  
C   N1    C2     sing N N 59  
C   N1    C6     sing N N 60  
C   C2    O2     doub N N 61  
C   C2    N3     sing N N 62  
C   N3    C4     doub N N 63  
C   C4    N4     sing N N 64  
C   C4    C5     sing N N 65  
C   N4    H41    sing N N 66  
C   N4    H42    sing N N 67  
C   C5    C6     doub N N 68  
C   C5    H5     sing N N 69  
C   C6    H6     sing N N 70  
G   OP3   P      sing N N 71  
G   OP3   HOP3   sing N N 72  
G   P     OP1    doub N N 73  
G   P     OP2    sing N N 74  
G   P     "O5'"  sing N N 75  
G   OP2   HOP2   sing N N 76  
G   "O5'" "C5'"  sing N N 77  
G   "C5'" "C4'"  sing N N 78  
G   "C5'" "H5'"  sing N N 79  
G   "C5'" "H5''" sing N N 80  
G   "C4'" "O4'"  sing N N 81  
G   "C4'" "C3'"  sing N N 82  
G   "C4'" "H4'"  sing N N 83  
G   "O4'" "C1'"  sing N N 84  
G   "C3'" "O3'"  sing N N 85  
G   "C3'" "C2'"  sing N N 86  
G   "C3'" "H3'"  sing N N 87  
G   "O3'" "HO3'" sing N N 88  
G   "C2'" "O2'"  sing N N 89  
G   "C2'" "C1'"  sing N N 90  
G   "C2'" "H2'"  sing N N 91  
G   "O2'" "HO2'" sing N N 92  
G   "C1'" N9     sing N N 93  
G   "C1'" "H1'"  sing N N 94  
G   N9    C8     sing Y N 95  
G   N9    C4     sing Y N 96  
G   C8    N7     doub Y N 97  
G   C8    H8     sing N N 98  
G   N7    C5     sing Y N 99  
G   C5    C6     sing N N 100 
G   C5    C4     doub Y N 101 
G   C6    O6     doub N N 102 
G   C6    N1     sing N N 103 
G   N1    C2     sing N N 104 
G   N1    H1     sing N N 105 
G   C2    N2     sing N N 106 
G   C2    N3     doub N N 107 
G   N2    H21    sing N N 108 
G   N2    H22    sing N N 109 
G   N3    C4     sing N N 110 
HOH O     H1     sing N N 111 
HOH O     H2     sing N N 112 
RHD RH    N1     sing N N 113 
RHD RH    N2     sing N N 114 
RHD RH    N3     sing N N 115 
RHD RH    N4     sing N N 116 
RHD RH    N5     sing N N 117 
RHD RH    N6     sing N N 118 
RHD N1    HN11   sing N N 119 
RHD N1    HN12   sing N N 120 
RHD N1    HN13   sing N N 121 
RHD N2    HN21   sing N N 122 
RHD N2    HN22   sing N N 123 
RHD N2    HN23   sing N N 124 
RHD N3    HN31   sing N N 125 
RHD N3    HN32   sing N N 126 
RHD N3    HN33   sing N N 127 
RHD N4    HN41   sing N N 128 
RHD N4    HN42   sing N N 129 
RHD N4    HN43   sing N N 130 
RHD N5    HN51   sing N N 131 
RHD N5    HN52   sing N N 132 
RHD N5    HN53   sing N N 133 
RHD N6    HN61   sing N N 134 
RHD N6    HN62   sing N N 135 
RHD N6    HN63   sing N N 136 
U   OP3   P      sing N N 137 
U   OP3   HOP3   sing N N 138 
U   P     OP1    doub N N 139 
U   P     OP2    sing N N 140 
U   P     "O5'"  sing N N 141 
U   OP2   HOP2   sing N N 142 
U   "O5'" "C5'"  sing N N 143 
U   "C5'" "C4'"  sing N N 144 
U   "C5'" "H5'"  sing N N 145 
U   "C5'" "H5''" sing N N 146 
U   "C4'" "O4'"  sing N N 147 
U   "C4'" "C3'"  sing N N 148 
U   "C4'" "H4'"  sing N N 149 
U   "O4'" "C1'"  sing N N 150 
U   "C3'" "O3'"  sing N N 151 
U   "C3'" "C2'"  sing N N 152 
U   "C3'" "H3'"  sing N N 153 
U   "O3'" "HO3'" sing N N 154 
U   "C2'" "O2'"  sing N N 155 
U   "C2'" "C1'"  sing N N 156 
U   "C2'" "H2'"  sing N N 157 
U   "O2'" "HO2'" sing N N 158 
U   "C1'" N1     sing N N 159 
U   "C1'" "H1'"  sing N N 160 
U   N1    C2     sing N N 161 
U   N1    C6     sing N N 162 
U   C2    O2     doub N N 163 
U   C2    N3     sing N N 164 
U   N3    C4     sing N N 165 
U   N3    H3     sing N N 166 
U   C4    O4     doub N N 167 
U   C4    C5     sing N N 168 
U   C5    C6     doub N N 169 
U   C5    H5     sing N N 170 
U   C6    H6     sing N N 171 
# 
loop_
_ndb_struct_conf_na.entry_id 
_ndb_struct_conf_na.feature 
165D 'double helix'         
165D 'a-form double helix'  
165D 'mismatched base pair' 
# 
loop_
_ndb_struct_na_base_pair.model_number 
_ndb_struct_na_base_pair.i_label_asym_id 
_ndb_struct_na_base_pair.i_label_comp_id 
_ndb_struct_na_base_pair.i_label_seq_id 
_ndb_struct_na_base_pair.i_symmetry 
_ndb_struct_na_base_pair.j_label_asym_id 
_ndb_struct_na_base_pair.j_label_comp_id 
_ndb_struct_na_base_pair.j_label_seq_id 
_ndb_struct_na_base_pair.j_symmetry 
_ndb_struct_na_base_pair.shear 
_ndb_struct_na_base_pair.stretch 
_ndb_struct_na_base_pair.stagger 
_ndb_struct_na_base_pair.buckle 
_ndb_struct_na_base_pair.propeller 
_ndb_struct_na_base_pair.opening 
_ndb_struct_na_base_pair.pair_number 
_ndb_struct_na_base_pair.pair_name 
_ndb_struct_na_base_pair.i_auth_asym_id 
_ndb_struct_na_base_pair.i_auth_seq_id 
_ndb_struct_na_base_pair.i_PDB_ins_code 
_ndb_struct_na_base_pair.j_auth_asym_id 
_ndb_struct_na_base_pair.j_auth_seq_id 
_ndb_struct_na_base_pair.j_PDB_ins_code 
_ndb_struct_na_base_pair.hbond_type_28 
_ndb_struct_na_base_pair.hbond_type_12 
1 A G 1 1_555 B C 8 1_555 -0.507 -0.379 -0.271 0.915  -13.439 1.089   1 A_G1:C17_B A 1 ? B 17 ? 19 1 
1 A C 2 1_555 B G 7 1_555 0.162  -0.263 -0.027 5.509  -11.964 1.106   2 A_C2:G16_B A 2 ? B 16 ? 19 1 
1 A U 3 1_555 B G 6 1_555 2.233  -0.490 -0.124 4.776  -10.255 -1.858  3 A_U3:G15_B A 3 ? B 15 ? 28 ? 
1 A U 4 1_555 B C 5 1_555 -0.638 0.206  0.220  2.026  2.784   -40.981 4 A_U4:C14_B A 4 ? B 14 ? ?  ? 
1 A C 5 1_555 B U 4 1_555 0.733  0.119  -0.397 7.013  -3.734  -39.828 5 A_C5:U13_B A 5 ? B 13 ? ?  ? 
1 A G 6 1_555 B U 3 1_555 -2.244 -0.601 -0.180 -0.232 -12.882 -1.239  6 A_G6:U12_B A 6 ? B 12 ? 28 1 
1 A G 7 1_555 B C 2 1_555 -0.178 -0.118 -0.160 -4.817 -12.774 1.012   7 A_G7:C11_B A 7 ? B 11 ? 19 1 
1 A C 8 1_555 B G 1 1_555 0.445  -0.195 0.090  -3.779 -6.718  -0.871  8 A_C8:G10_B A 8 ? B 10 ? 19 1 
# 
loop_
_ndb_struct_na_base_pair_step.model_number 
_ndb_struct_na_base_pair_step.i_label_asym_id_1 
_ndb_struct_na_base_pair_step.i_label_comp_id_1 
_ndb_struct_na_base_pair_step.i_label_seq_id_1 
_ndb_struct_na_base_pair_step.i_symmetry_1 
_ndb_struct_na_base_pair_step.j_label_asym_id_1 
_ndb_struct_na_base_pair_step.j_label_comp_id_1 
_ndb_struct_na_base_pair_step.j_label_seq_id_1 
_ndb_struct_na_base_pair_step.j_symmetry_1 
_ndb_struct_na_base_pair_step.i_label_asym_id_2 
_ndb_struct_na_base_pair_step.i_label_comp_id_2 
_ndb_struct_na_base_pair_step.i_label_seq_id_2 
_ndb_struct_na_base_pair_step.i_symmetry_2 
_ndb_struct_na_base_pair_step.j_label_asym_id_2 
_ndb_struct_na_base_pair_step.j_label_comp_id_2 
_ndb_struct_na_base_pair_step.j_label_seq_id_2 
_ndb_struct_na_base_pair_step.j_symmetry_2 
_ndb_struct_na_base_pair_step.shift 
_ndb_struct_na_base_pair_step.slide 
_ndb_struct_na_base_pair_step.rise 
_ndb_struct_na_base_pair_step.tilt 
_ndb_struct_na_base_pair_step.roll 
_ndb_struct_na_base_pair_step.twist 
_ndb_struct_na_base_pair_step.x_displacement 
_ndb_struct_na_base_pair_step.y_displacement 
_ndb_struct_na_base_pair_step.helical_rise 
_ndb_struct_na_base_pair_step.inclination 
_ndb_struct_na_base_pair_step.tip 
_ndb_struct_na_base_pair_step.helical_twist 
_ndb_struct_na_base_pair_step.step_number 
_ndb_struct_na_base_pair_step.step_name 
_ndb_struct_na_base_pair_step.i_auth_asym_id_1 
_ndb_struct_na_base_pair_step.i_auth_seq_id_1 
_ndb_struct_na_base_pair_step.i_PDB_ins_code_1 
_ndb_struct_na_base_pair_step.j_auth_asym_id_1 
_ndb_struct_na_base_pair_step.j_auth_seq_id_1 
_ndb_struct_na_base_pair_step.j_PDB_ins_code_1 
_ndb_struct_na_base_pair_step.i_auth_asym_id_2 
_ndb_struct_na_base_pair_step.i_auth_seq_id_2 
_ndb_struct_na_base_pair_step.i_PDB_ins_code_2 
_ndb_struct_na_base_pair_step.j_auth_asym_id_2 
_ndb_struct_na_base_pair_step.j_auth_seq_id_2 
_ndb_struct_na_base_pair_step.j_PDB_ins_code_2 
1 A G 1 1_555 B C 8 1_555 A C 2 1_555 B G 7 1_555 -0.228 -1.669 3.238 -2.718 4.640  35.602 -3.335 -0.002 3.012 7.535  4.415  
35.993 1 AA_G1C2:G16C17_BB A 1 ? B 17 ? A 2 ? B 16 ? 
1 A C 2 1_555 B G 7 1_555 A U 3 1_555 B G 6 1_555 -0.023 -1.320 3.377 2.142  5.349  37.904 -2.684 0.305  3.163 8.177  -3.275 
38.323 2 AA_C2U3:G15G16_BB A 2 ? B 16 ? A 3 ? B 15 ? 
1 A U 3 1_555 B G 6 1_555 A U 4 1_555 B C 5 1_555 -3.926 -1.958 3.406 -5.163 6.663  20.686 -7.783 8.032  3.479 17.641 13.668 
22.320 3 AA_U3U4:C14G15_BB A 3 ? B 15 ? A 4 ? B 14 ? 
1 A U 4 1_555 B C 5 1_555 A C 5 1_555 B U 4 1_555 0.004  -1.867 3.489 2.016  6.124  38.655 -3.536 0.241  3.164 9.174  -3.019 
39.169 4 AA_U4C5:U13C14_BB A 4 ? B 14 ? A 5 ? B 13 ? 
1 A C 5 1_555 B U 4 1_555 A G 6 1_555 B U 3 1_555 3.202  -1.635 3.434 -0.651 12.018 25.252 -6.047 -6.779 2.344 25.709 1.393  
27.932 5 AA_C5G6:U12U13_BB A 5 ? B 13 ? A 6 ? B 12 ? 
1 A G 6 1_555 B U 3 1_555 A G 7 1_555 B C 2 1_555 0.186  -1.616 3.456 -0.690 7.573  39.522 -3.219 -0.350 3.103 11.075 1.009  
40.218 6 AA_G6G7:C11U12_BB A 6 ? B 12 ? A 7 ? B 11 ? 
1 A G 7 1_555 B C 2 1_555 A C 8 1_555 B G 1 1_555 0.107  -1.732 3.462 -0.073 -0.759 35.338 -2.734 -0.187 3.497 -1.251 0.121  
35.346 7 AA_G7C8:G10C11_BB A 7 ? B 11 ? A 8 ? B 10 ? 
# 
_atom_sites.entry_id                    165D 
_atom_sites.fract_transf_matrix[1][1]   -0.01796410 
_atom_sites.fract_transf_matrix[1][2]   -0.00263373 
_atom_sites.fract_transf_matrix[1][3]   -0.00781734 
_atom_sites.fract_transf_matrix[2][1]   0.01603590 
_atom_sites.fract_transf_matrix[2][2]   0.02140815 
_atom_sites.fract_transf_matrix[2][3]   -0.04406281 
_atom_sites.fract_transf_matrix[3][1]   -0.00101439 
_atom_sites.fract_transf_matrix[3][2]   -0.01890913 
_atom_sites.fract_transf_matrix[3][3]   -0.00955627 
_atom_sites.fract_transf_vector[1]      0.078542 
_atom_sites.fract_transf_vector[2]      0.137427 
_atom_sites.fract_transf_vector[3]      0.305881 
# 
_atom_sites_footnote.id     1 
_atom_sites_footnote.text   
;THE DEOXY-BROMO-URACIL +U IS WELL ORDERED ON STRAND A BUT NOT ON STRAND B (RESIDUE +U 18) WHERE TWO (50:50) DISORDERED POSITIONS WERE GIVEN. FOUR RHODIUM HEXAMINE IONS RH(NH3)6 ++ WERE LOCATED (NAMED RHD), TWO WITH FULL OCCUPANCY FACTORS (RESIDUES 19 AND 20) AND TWO WITH PARTIAL OCCUPANCIES (RESIDUES 21 AND 22).
;
# 
loop_
_atom_type.symbol 
BR 
C  
N  
O  
P  
RH 
# 
loop_
_atom_site.group_PDB 
_atom_site.id 
_atom_site.type_symbol 
_atom_site.label_atom_id 
_atom_site.label_alt_id 
_atom_site.label_comp_id 
_atom_site.label_asym_id 
_atom_site.label_entity_id 
_atom_site.label_seq_id 
_atom_site.pdbx_PDB_ins_code 
_atom_site.Cartn_x 
_atom_site.Cartn_y 
_atom_site.Cartn_z 
_atom_site.occupancy 
_atom_site.B_iso_or_equiv 
_atom_site.pdbx_formal_charge 
_atom_site.auth_seq_id 
_atom_site.auth_comp_id 
_atom_site.auth_asym_id 
_atom_site.auth_atom_id 
_atom_site.pdbx_PDB_model_num 
ATOM   1   O  "O5'" . G   A 1 1 ? 6.731   8.702   7.442   1.00 20.55 ? 1  G   A "O5'" 1 
ATOM   2   C  "C5'" . G   A 1 1 ? 7.446   8.471   8.670   1.00 20.29 ? 1  G   A "C5'" 1 
ATOM   3   C  "C4'" . G   A 1 1 ? 6.535   8.059   9.843   1.00 20.12 ? 1  G   A "C4'" 1 
ATOM   4   O  "O4'" . G   A 1 1 ? 5.509   9.038   10.129  1.00 20.00 ? 1  G   A "O4'" 1 
ATOM   5   C  "C3'" . G   A 1 1 ? 5.803   6.775   9.475   1.00 19.53 ? 1  G   A "C3'" 1 
ATOM   6   O  "O3'" . G   A 1 1 ? 6.655   5.611   9.562   1.00 19.12 ? 1  G   A "O3'" 1 
ATOM   7   C  "C2'" . G   A 1 1 ? 4.553   6.816   10.338  1.00 19.48 ? 1  G   A "C2'" 1 
ATOM   8   O  "O2'" . G   A 1 1 ? 4.768   6.359   11.685  1.00 20.15 ? 1  G   A "O2'" 1 
ATOM   9   C  "C1'" . G   A 1 1 ? 4.254   8.324   10.280  1.00 19.68 ? 1  G   A "C1'" 1 
ATOM   10  N  N9    . G   A 1 1 ? 3.337   8.658   9.177   1.00 19.43 ? 1  G   A N9    1 
ATOM   11  C  C8    . G   A 1 1 ? 3.606   9.215   7.947   1.00 19.59 ? 1  G   A C8    1 
ATOM   12  N  N7    . G   A 1 1 ? 2.573   9.298   7.158   1.00 19.54 ? 1  G   A N7    1 
ATOM   13  C  C5    . G   A 1 1 ? 1.518   8.905   7.987   1.00 19.27 ? 1  G   A C5    1 
ATOM   14  C  C6    . G   A 1 1 ? 0.127   8.836   7.719   1.00 19.22 ? 1  G   A C6    1 
ATOM   15  O  O6    . G   A 1 1 ? -0.491  9.205   6.721   1.00 19.50 ? 1  G   A O6    1 
ATOM   16  N  N1    . G   A 1 1 ? -0.545  8.229   8.751   1.00 18.88 ? 1  G   A N1    1 
ATOM   17  C  C2    . G   A 1 1 ? 0.036   7.730   9.877   1.00 18.76 ? 1  G   A C2    1 
ATOM   18  N  N2    . G   A 1 1 ? -0.738  7.038   10.663  1.00 18.56 ? 1  G   A N2    1 
ATOM   19  N  N3    . G   A 1 1 ? 1.312   7.848   10.188  1.00 18.87 ? 1  G   A N3    1 
ATOM   20  C  C4    . G   A 1 1 ? 1.993   8.453   9.191   1.00 19.29 ? 1  G   A C4    1 
ATOM   21  P  P     . C   A 1 2 ? 6.336   4.254   8.759   1.00 17.30 ? 2  C   A P     1 
ATOM   22  O  OP1   . C   A 1 2 ? 7.494   3.410   9.125   1.00 17.44 ? 2  C   A OP1   1 
ATOM   23  O  OP2   . C   A 1 2 ? 6.137   4.667   7.350   1.00 16.84 ? 2  C   A OP2   1 
ATOM   24  O  "O5'" . C   A 1 2 ? 4.971   3.546   9.265   1.00 15.55 ? 2  C   A "O5'" 1 
ATOM   25  C  "C5'" . C   A 1 2 ? 4.748   3.056   10.600  1.00 13.70 ? 2  C   A "C5'" 1 
ATOM   26  C  "C4'" . C   A 1 2 ? 3.259   2.752   10.896  1.00 12.52 ? 2  C   A "C4'" 1 
ATOM   27  O  "O4'" . C   A 1 2 ? 2.432   3.931   10.784  1.00 12.13 ? 2  C   A "O4'" 1 
ATOM   28  C  "C3'" . C   A 1 2 ? 2.637   1.728   9.925   1.00 11.33 ? 2  C   A "C3'" 1 
ATOM   29  O  "O3'" . C   A 1 2 ? 3.010   0.351   10.161  1.00 10.23 ? 2  C   A "O3'" 1 
ATOM   30  C  "C2'" . C   A 1 2 ? 1.157   2.023   10.072  1.00 11.44 ? 2  C   A "C2'" 1 
ATOM   31  O  "O2'" . C   A 1 2 ? 0.600   1.482   11.277  1.00 10.97 ? 2  C   A "O2'" 1 
ATOM   32  C  "C1'" . C   A 1 2 ? 1.197   3.565   10.133  1.00 11.56 ? 2  C   A "C1'" 1 
ATOM   33  N  N1    . C   A 1 2 ? 1.031   4.226   8.810   1.00 11.61 ? 2  C   A N1    1 
ATOM   34  C  C2    . C   A 1 2 ? -0.254  4.355   8.315   1.00 11.65 ? 2  C   A C2    1 
ATOM   35  O  O2    . C   A 1 2 ? -1.210  3.861   8.904   1.00 11.71 ? 2  C   A O2    1 
ATOM   36  N  N3    . C   A 1 2 ? -0.437  5.019   7.145   1.00 11.69 ? 2  C   A N3    1 
ATOM   37  C  C4    . C   A 1 2 ? 0.604   5.564   6.514   1.00 11.64 ? 2  C   A C4    1 
ATOM   38  N  N4    . C   A 1 2 ? 0.373   6.309   5.454   1.00 11.75 ? 2  C   A N4    1 
ATOM   39  C  C5    . C   A 1 2 ? 1.939   5.406   6.974   1.00 11.60 ? 2  C   A C5    1 
ATOM   40  C  C6    . C   A 1 2 ? 2.095   4.748   8.135   1.00 11.58 ? 2  C   A C6    1 
ATOM   41  P  P     . U   A 1 3 ? 3.312   -0.636  8.917   1.00 8.47  ? 3  U   A P     1 
ATOM   42  O  OP1   . U   A 1 3 ? 3.891   -1.844  9.541   1.00 8.71  ? 3  U   A OP1   1 
ATOM   43  O  OP2   . U   A 1 3 ? 4.050   0.024   7.818   1.00 8.26  ? 3  U   A OP2   1 
ATOM   44  O  "O5'" . U   A 1 3 ? 1.892   -0.998  8.306   1.00 8.10  ? 3  U   A "O5'" 1 
ATOM   45  C  "C5'" . U   A 1 3 ? 0.898   -1.690  9.061   1.00 7.53  ? 3  U   A "C5'" 1 
ATOM   46  C  "C4'" . U   A 1 3 ? -0.479  -1.472  8.463   1.00 7.09  ? 3  U   A "C4'" 1 
ATOM   47  O  "O4'" . U   A 1 3 ? -0.749  -0.077  8.359   1.00 6.98  ? 3  U   A "O4'" 1 
ATOM   48  C  "C3'" . U   A 1 3 ? -0.539  -1.978  7.038   1.00 6.87  ? 3  U   A "C3'" 1 
ATOM   49  O  "O3'" . U   A 1 3 ? -0.671  -3.404  6.980   1.00 6.96  ? 3  U   A "O3'" 1 
ATOM   50  C  "C2'" . U   A 1 3 ? -1.688  -1.177  6.465   1.00 6.72  ? 3  U   A "C2'" 1 
ATOM   51  O  "O2'" . U   A 1 3 ? -2.980  -1.675  6.858   1.00 7.07  ? 3  U   A "O2'" 1 
ATOM   52  C  "C1'" . U   A 1 3 ? -1.433  0.180   7.134   1.00 6.86  ? 3  U   A "C1'" 1 
ATOM   53  N  N1    . U   A 1 3 ? -0.700  1.136   6.256   1.00 7.01  ? 3  U   A N1    1 
ATOM   54  C  C2    . U   A 1 3 ? -1.432  1.783   5.287   1.00 6.88  ? 3  U   A C2    1 
ATOM   55  O  O2    . U   A 1 3 ? -2.633  1.636   5.084   1.00 6.56  ? 3  U   A O2    1 
ATOM   56  N  N3    . U   A 1 3 ? -0.754  2.626   4.475   1.00 7.31  ? 3  U   A N3    1 
ATOM   57  C  C4    . U   A 1 3 ? 0.585   2.868   4.484   1.00 7.74  ? 3  U   A C4    1 
ATOM   58  O  O4    . U   A 1 3 ? 1.031   3.706   3.697   1.00 8.48  ? 3  U   A O4    1 
ATOM   59  C  C5    . U   A 1 3 ? 1.315   2.116   5.477   1.00 7.78  ? 3  U   A C5    1 
ATOM   60  C  C6    . U   A 1 3 ? 0.656   1.306   6.338   1.00 7.33  ? 3  U   A C6    1 
ATOM   61  P  P     . U   A 1 4 ? -0.642  -4.184  5.576   1.00 6.65  ? 4  U   A P     1 
ATOM   62  O  OP1   . U   A 1 4 ? -0.131  -5.533  5.888   1.00 7.16  ? 4  U   A OP1   1 
ATOM   63  O  OP2   . U   A 1 4 ? -0.079  -3.471  4.411   1.00 6.62  ? 4  U   A OP2   1 
ATOM   64  O  "O5'" . U   A 1 4 ? -2.201  -4.324  5.249   1.00 6.95  ? 4  U   A "O5'" 1 
ATOM   65  C  "C5'" . U   A 1 4 ? -3.125  -5.084  6.041   1.00 6.44  ? 4  U   A "C5'" 1 
ATOM   66  C  "C4'" . U   A 1 4 ? -4.556  -5.016  5.477   1.00 6.59  ? 4  U   A "C4'" 1 
ATOM   67  O  "O4'" . U   A 1 4 ? -5.064  -3.673  5.403   1.00 6.52  ? 4  U   A "O4'" 1 
ATOM   68  C  "C3'" . U   A 1 4 ? -4.605  -5.538  4.054   1.00 6.42  ? 4  U   A "C3'" 1 
ATOM   69  O  "O3'" . U   A 1 4 ? -4.589  -6.974  4.005   1.00 6.66  ? 4  U   A "O3'" 1 
ATOM   70  C  "C2'" . U   A 1 4 ? -5.885  -4.910  3.544   1.00 6.43  ? 4  U   A "C2'" 1 
ATOM   71  O  "O2'" . U   A 1 4 ? -7.034  -5.606  4.050   1.00 7.53  ? 4  U   A "O2'" 1 
ATOM   72  C  "C1'" . U   A 1 4 ? -5.772  -3.505  4.157   1.00 6.59  ? 4  U   A "C1'" 1 
ATOM   73  N  N1    . U   A 1 4 ? -5.074  -2.517  3.278   1.00 6.03  ? 4  U   A N1    1 
ATOM   74  C  C2    . U   A 1 4 ? -5.749  -1.992  2.192   1.00 6.07  ? 4  U   A C2    1 
ATOM   75  O  O2    . U   A 1 4 ? -6.902  -2.277  1.898   1.00 6.60  ? 4  U   A O2    1 
ATOM   76  N  N3    . U   A 1 4 ? -5.053  -1.099  1.421   1.00 6.21  ? 4  U   A N3    1 
ATOM   77  C  C4    . U   A 1 4 ? -3.811  -0.580  1.704   1.00 6.08  ? 4  U   A C4    1 
ATOM   78  O  O4    . U   A 1 4 ? -3.344  0.332   1.036   1.00 6.93  ? 4  U   A O4    1 
ATOM   79  C  C5    . U   A 1 4 ? -3.167  -1.176  2.840   1.00 6.22  ? 4  U   A C5    1 
ATOM   80  C  C6    . U   A 1 4 ? -3.811  -2.092  3.584   1.00 5.92  ? 4  U   A C6    1 
ATOM   81  P  P     . C   A 1 5 ? -3.908  -7.742  2.792   1.00 5.77  ? 5  C   A P     1 
ATOM   82  O  OP1   . C   A 1 5 ? -4.098  -9.186  3.070   1.00 6.44  ? 5  C   A OP1   1 
ATOM   83  O  OP2   . C   A 1 5 ? -2.539  -7.265  2.444   1.00 5.57  ? 5  C   A OP2   1 
ATOM   84  O  "O5'" . C   A 1 5 ? -4.697  -7.424  1.455   1.00 5.28  ? 5  C   A "O5'" 1 
ATOM   85  C  "C5'" . C   A 1 5 ? -6.008  -7.978  1.263   1.00 5.19  ? 5  C   A "C5'" 1 
ATOM   86  C  "C4'" . C   A 1 5 ? -6.710  -7.322  0.097   1.00 4.73  ? 5  C   A "C4'" 1 
ATOM   87  O  "O4'" . C   A 1 5 ? -6.837  -5.909  0.274   1.00 4.49  ? 5  C   A "O4'" 1 
ATOM   88  C  "C3'" . C   A 1 5 ? -5.840  -7.419  -1.124  1.00 4.65  ? 5  C   A "C3'" 1 
ATOM   89  O  "O3'" . C   A 1 5 ? -5.790  -8.737  -1.627  1.00 5.41  ? 5  C   A "O3'" 1 
ATOM   90  C  "C2'" . C   A 1 5 ? -6.467  -6.408  -2.022  1.00 4.51  ? 5  C   A "C2'" 1 
ATOM   91  O  "O2'" . C   A 1 5 ? -7.732  -6.851  -2.548  1.00 4.83  ? 5  C   A "O2'" 1 
ATOM   92  C  "C1'" . C   A 1 5 ? -6.614  -5.275  -0.991  1.00 4.54  ? 5  C   A "C1'" 1 
ATOM   93  N  N1    . C   A 1 5 ? -5.418  -4.384  -0.967  1.00 4.10  ? 5  C   A N1    1 
ATOM   94  C  C2    . C   A 1 5 ? -5.324  -3.429  -1.954  1.00 4.41  ? 5  C   A C2    1 
ATOM   95  O  O2    . C   A 1 5 ? -6.192  -3.319  -2.814  1.00 4.82  ? 5  C   A O2    1 
ATOM   96  N  N3    . C   A 1 5 ? -4.241  -2.623  -1.958  1.00 4.49  ? 5  C   A N3    1 
ATOM   97  C  C4    . C   A 1 5 ? -3.280  -2.754  -1.057  1.00 4.29  ? 5  C   A C4    1 
ATOM   98  N  N4    . C   A 1 5 ? -2.242  -1.939  -1.140  1.00 4.28  ? 5  C   A N4    1 
ATOM   99  C  C5    . C   A 1 5 ? -3.346  -3.744  -0.036  1.00 4.10  ? 5  C   A C5    1 
ATOM   100 C  C6    . C   A 1 5 ? -4.461  -4.492  -0.004  1.00 4.24  ? 5  C   A C6    1 
ATOM   101 P  P     . G   A 1 6 ? -4.490  -9.260  -2.367  1.00 5.55  ? 6  G   A P     1 
ATOM   102 O  OP1   . G   A 1 6 ? -4.845  -10.662 -2.685  1.00 5.95  ? 6  G   A OP1   1 
ATOM   103 O  OP2   . G   A 1 6 ? -3.249  -8.977  -1.584  1.00 5.52  ? 6  G   A OP2   1 
ATOM   104 O  "O5'" . G   A 1 6 ? -4.313  -8.405  -3.685  1.00 5.49  ? 6  G   A "O5'" 1 
ATOM   105 C  "C5'" . G   A 1 6 ? -5.307  -8.404  -4.717  1.00 5.43  ? 6  G   A "C5'" 1 
ATOM   106 C  "C4'" . G   A 1 6 ? -5.097  -7.270  -5.710  1.00 5.08  ? 6  G   A "C4'" 1 
ATOM   107 O  "O4'" . G   A 1 6 ? -5.137  -5.977  -5.093  1.00 4.96  ? 6  G   A "O4'" 1 
ATOM   108 C  "C3'" . G   A 1 6 ? -3.735  -7.350  -6.388  1.00 5.04  ? 6  G   A "C3'" 1 
ATOM   109 O  "O3'" . G   A 1 6 ? -3.607  -8.425  -7.349  1.00 5.13  ? 6  G   A "O3'" 1 
ATOM   110 C  "C2'" . G   A 1 6 ? -3.621  -5.932  -6.921  1.00 4.91  ? 6  G   A "C2'" 1 
ATOM   111 O  "O2'" . G   A 1 6 ? -4.439  -5.688  -8.089  1.00 5.37  ? 6  G   A "O2'" 1 
ATOM   112 C  "C1'" . G   A 1 6 ? -4.130  -5.158  -5.684  1.00 4.66  ? 6  G   A "C1'" 1 
ATOM   113 N  N9    . G   A 1 6 ? -3.070  -4.863  -4.683  1.00 4.37  ? 6  G   A N9    1 
ATOM   114 C  C8    . G   A 1 6 ? -2.855  -5.441  -3.467  1.00 4.41  ? 6  G   A C8    1 
ATOM   115 N  N7    . G   A 1 6 ? -1.760  -5.051  -2.861  1.00 4.45  ? 6  G   A N7    1 
ATOM   116 C  C5    . G   A 1 6 ? -1.289  -4.030  -3.704  1.00 4.25  ? 6  G   A C5    1 
ATOM   117 C  C6    . G   A 1 6 ? -0.100  -3.250  -3.636  1.00 3.90  ? 6  G   A C6    1 
ATOM   118 O  O6    . G   A 1 6 ? 0.758   -3.265  -2.765  1.00 4.18  ? 6  G   A O6    1 
ATOM   119 N  N1    . G   A 1 6 ? 0.089   -2.465  -4.750  1.00 4.08  ? 6  G   A N1    1 
ATOM   120 C  C2    . G   A 1 6 ? -0.762  -2.428  -5.813  1.00 4.24  ? 6  G   A C2    1 
ATOM   121 N  N2    . G   A 1 6 ? -0.427  -1.628  -6.799  1.00 4.31  ? 6  G   A N2    1 
ATOM   122 N  N3    . G   A 1 6 ? -1.895  -3.116  -5.887  1.00 4.20  ? 6  G   A N3    1 
ATOM   123 C  C4    . G   A 1 6 ? -2.092  -3.910  -4.810  1.00 4.18  ? 6  G   A C4    1 
ATOM   124 P  P     . G   A 1 7 ? -2.205  -9.174  -7.638  1.00 5.57  ? 7  G   A P     1 
ATOM   125 O  OP1   . G   A 1 7 ? -2.508  -10.190 -8.667  1.00 6.17  ? 7  G   A OP1   1 
ATOM   126 O  OP2   . G   A 1 7 ? -1.691  -9.606  -6.311  1.00 6.31  ? 7  G   A OP2   1 
ATOM   127 O  "O5'" . G   A 1 7 ? -1.147  -8.165  -8.254  1.00 6.02  ? 7  G   A "O5'" 1 
ATOM   128 C  "C5'" . G   A 1 7 ? -1.464  -7.502  -9.487  1.00 5.89  ? 7  G   A "C5'" 1 
ATOM   129 C  "C4'" . G   A 1 7 ? -0.618  -6.269  -9.700  1.00 5.46  ? 7  G   A "C4'" 1 
ATOM   130 O  "O4'" . G   A 1 7 ? -0.711  -5.369  -8.590  1.00 5.38  ? 7  G   A "O4'" 1 
ATOM   131 C  "C3'" . G   A 1 7 ? 0.841   -6.660  -9.802  1.00 5.40  ? 7  G   A "C3'" 1 
ATOM   132 O  "O3'" . G   A 1 7 ? 1.134   -7.181  -11.107 1.00 5.06  ? 7  G   A "O3'" 1 
ATOM   133 C  "C2'" . G   A 1 7 ? 1.507   -5.329  -9.472  1.00 5.29  ? 7  G   A "C2'" 1 
ATOM   134 O  "O2'" . G   A 1 7 ? 1.429   -4.389  -10.563 1.00 5.27  ? 7  G   A "O2'" 1 
ATOM   135 C  "C1'" . G   A 1 7 ? 0.604   -4.869  -8.318  1.00 5.34  ? 7  G   A "C1'" 1 
ATOM   136 N  N9    . G   A 1 7 ? 1.054   -5.356  -7.004  1.00 5.19  ? 7  G   A N9    1 
ATOM   137 C  C8    . G   A 1 7 ? 0.439   -6.236  -6.155  1.00 5.27  ? 7  G   A C8    1 
ATOM   138 N  N7    . G   A 1 7 ? 1.002   -6.342  -4.978  1.00 5.06  ? 7  G   A N7    1 
ATOM   139 C  C5    . G   A 1 7 ? 2.098   -5.480  -5.083  1.00 5.22  ? 7  G   A C5    1 
ATOM   140 C  C6    . G   A 1 7 ? 3.098   -5.148  -4.122  1.00 4.87  ? 7  G   A C6    1 
ATOM   141 O  O6    . G   A 1 7 ? 3.217   -5.608  -2.982  1.00 4.82  ? 7  G   A O6    1 
ATOM   142 N  N1    . G   A 1 7 ? 4.008   -4.236  -4.626  1.00 4.86  ? 7  G   A N1    1 
ATOM   143 C  C2    . G   A 1 7 ? 3.987   -3.742  -5.907  1.00 5.05  ? 7  G   A C2    1 
ATOM   144 N  N2    . G   A 1 7 ? 5.049   -3.055  -6.293  1.00 4.87  ? 7  G   A N2    1 
ATOM   145 N  N3    . G   A 1 7 ? 3.010   -3.965  -6.778  1.00 4.85  ? 7  G   A N3    1 
ATOM   146 C  C4    . G   A 1 7 ? 2.117   -4.859  -6.310  1.00 4.99  ? 7  G   A C4    1 
ATOM   147 P  P     . C   A 1 8 ? 2.351   -8.186  -11.373 1.00 5.40  ? 8  C   A P     1 
ATOM   148 O  OP1   . C   A 1 8 ? 2.423   -8.370  -12.843 1.00 5.58  ? 8  C   A OP1   1 
ATOM   149 O  OP2   . C   A 1 8 ? 2.158   -9.357  -10.491 1.00 5.45  ? 8  C   A OP2   1 
ATOM   150 O  "O5'" . C   A 1 8 ? 3.675   -7.427  -10.890 1.00 5.24  ? 8  C   A "O5'" 1 
ATOM   151 C  "C5'" . C   A 1 8 ? 4.232   -6.321  -11.607 1.00 5.45  ? 8  C   A "C5'" 1 
ATOM   152 C  "C4'" . C   A 1 8 ? 5.427   -5.711  -10.872 1.00 5.77  ? 8  C   A "C4'" 1 
ATOM   153 O  "O4'" . C   A 1 8 ? 5.088   -5.313  -9.540  1.00 5.51  ? 8  C   A "O4'" 1 
ATOM   154 C  "C3'" . C   A 1 8 ? 6.559   -6.738  -10.766 1.00 5.94  ? 8  C   A "C3'" 1 
ATOM   155 O  "O3'" . C   A 1 8 ? 7.255   -6.746  -12.021 1.00 6.52  ? 8  C   A "O3'" 1 
ATOM   156 C  "C2'" . C   A 1 8 ? 7.373   -6.202  -9.590  1.00 5.53  ? 8  C   A "C2'" 1 
ATOM   157 O  "O2'" . C   A 1 8 ? 8.290   -5.167  -9.977  1.00 5.43  ? 8  C   A "O2'" 1 
ATOM   158 C  "C1'" . C   A 1 8 ? 6.240   -5.575  -8.729  1.00 5.65  ? 8  C   A "C1'" 1 
ATOM   159 N  N1    . C   A 1 8 ? 5.889   -6.369  -7.526  1.00 5.75  ? 8  C   A N1    1 
ATOM   160 C  C2    . C   A 1 8 ? 6.710   -6.221  -6.425  1.00 5.76  ? 8  C   A C2    1 
ATOM   161 O  O2    . C   A 1 8 ? 7.732   -5.535  -6.465  1.00 6.23  ? 8  C   A O2    1 
ATOM   162 N  N3    . C   A 1 8 ? 6.377   -6.867  -5.289  1.00 5.93  ? 8  C   A N3    1 
ATOM   163 C  C4    . C   A 1 8 ? 5.341   -7.698  -5.256  1.00 5.93  ? 8  C   A C4    1 
ATOM   164 N  N4    . C   A 1 8 ? 5.032   -8.235  -4.082  1.00 6.17  ? 8  C   A N4    1 
ATOM   165 C  C5    . C   A 1 8 ? 4.543   -7.960  -6.410  1.00 5.88  ? 8  C   A C5    1 
ATOM   166 C  C6    . C   A 1 8 ? 4.814   -7.217  -7.503  1.00 5.74  ? 8  C   A C6    1 
HETATM 167 N  N1    . BRU A 1 9 ? 10.475  -11.749 -14.289 1.00 10.05 ? 9  BRU A N1    1 
HETATM 168 C  C2    . BRU A 1 9 ? 10.789  -12.957 -14.890 1.00 10.55 ? 9  BRU A C2    1 
HETATM 169 N  N3    . BRU A 1 9 ? 10.105  -13.266 -16.029 1.00 11.06 ? 9  BRU A N3    1 
HETATM 170 C  C4    . BRU A 1 9 ? 9.072   -12.549 -16.567 1.00 12.41 ? 9  BRU A C4    1 
HETATM 171 C  C5    . BRU A 1 9 ? 8.777   -11.342 -16.007 1.00 12.90 ? 9  BRU A C5    1 
HETATM 172 C  C6    . BRU A 1 9 ? 9.504   -10.941 -14.813 1.00 11.55 ? 9  BRU A C6    1 
HETATM 173 O  O2    . BRU A 1 9 ? 11.582  -13.777 -14.466 1.00 10.21 ? 9  BRU A O2    1 
HETATM 174 O  O4    . BRU A 1 9 ? 8.373   -13.111 -17.411 1.00 12.81 ? 9  BRU A O4    1 
HETATM 175 BR BR    . BRU A 1 9 ? 7.486   -10.106 -16.705 1.00 16.62 ? 9  BRU A BR    1 
HETATM 176 C  "C1'" . BRU A 1 9 ? 11.042  -11.474 -12.951 1.00 8.45  ? 9  BRU A "C1'" 1 
HETATM 177 C  "C2'" . BRU A 1 9 ? 11.752  -10.126 -12.898 1.00 7.66  ? 9  BRU A "C2'" 1 
HETATM 178 C  "C3'" . BRU A 1 9 ? 11.617  -9.747  -11.427 1.00 7.43  ? 9  BRU A "C3'" 1 
HETATM 179 C  "C4'" . BRU A 1 9 ? 10.276  -10.401 -11.031 1.00 7.46  ? 9  BRU A "C4'" 1 
HETATM 180 O  "O3'" . BRU A 1 9 ? 12.725  -10.259 -10.689 1.00 6.33  ? 9  BRU A "O3'" 1 
HETATM 181 O  "O4'" . BRU A 1 9 ? 9.973   -11.425 -12.006 1.00 7.55  ? 9  BRU A "O4'" 1 
HETATM 182 C  "C5'" . BRU A 1 9 ? 9.144   -9.358  -10.996 1.00 7.42  ? 9  BRU A "C5'" 1 
HETATM 183 O  "O5'" . BRU A 1 9 ? 9.027   -8.651  -12.252 1.00 7.60  ? 9  BRU A "O5'" 1 
HETATM 184 P  P     . BRU A 1 9 ? 7.669   -8.046  -12.827 1.00 7.37  ? 9  BRU A P     1 
HETATM 185 O  OP1   . BRU A 1 9 ? 7.987   -7.494  -14.165 1.00 7.53  ? 9  BRU A OP1   1 
HETATM 186 O  OP2   . BRU A 1 9 ? 6.613   -9.078  -12.678 1.00 7.46  ? 9  BRU A OP2   1 
ATOM   187 O  "O5'" . G   B 1 1 ? 10.381  -4.835  3.952   1.00 12.64 ? 10 G   B "O5'" 1 
ATOM   188 C  "C5'" . G   B 1 1 ? 11.666  -4.199  3.878   1.00 12.03 ? 10 G   B "C5'" 1 
ATOM   189 C  "C4'" . G   B 1 1 ? 12.158  -4.030  2.437   1.00 11.37 ? 10 G   B "C4'" 1 
ATOM   190 O  "O4'" . G   B 1 1 ? 12.099  -5.277  1.728   1.00 11.50 ? 10 G   B "O4'" 1 
ATOM   191 C  "C3'" . G   B 1 1 ? 11.295  -3.052  1.629   1.00 11.27 ? 10 G   B "C3'" 1 
ATOM   192 O  "O3'" . G   B 1 1 ? 11.497  -1.669  1.984   1.00 10.91 ? 10 G   B "O3'" 1 
ATOM   193 C  "C2'" . G   B 1 1 ? 11.699  -3.451  0.205   1.00 11.02 ? 10 G   B "C2'" 1 
ATOM   194 O  "O2'" . G   B 1 1 ? 13.000  -2.960  -0.172  1.00 10.79 ? 10 G   B "O2'" 1 
ATOM   195 C  "C1'" . G   B 1 1 ? 11.700  -4.982  0.366   1.00 10.93 ? 10 G   B "C1'" 1 
ATOM   196 N  N9    . G   B 1 1 ? 10.373  -5.585  0.129   1.00 11.07 ? 10 G   B N9    1 
ATOM   197 C  C8    . G   B 1 1 ? 9.589   -6.285  1.018   1.00 11.02 ? 10 G   B C8    1 
ATOM   198 N  N7    . G   B 1 1 ? 8.576   -6.894  0.476   1.00 10.82 ? 10 G   B N7    1 
ATOM   199 C  C5    . G   B 1 1 ? 8.663   -6.528  -0.861  1.00 10.51 ? 10 G   B C5    1 
ATOM   200 C  C6    . G   B 1 1 ? 7.776   -6.798  -1.931  1.00 10.12 ? 10 G   B C6    1 
ATOM   201 O  O6    . G   B 1 1 ? 6.700   -7.387  -1.917  1.00 10.76 ? 10 G   B O6    1 
ATOM   202 N  N1    . G   B 1 1 ? 8.233   -6.262  -3.105  1.00 9.84  ? 10 G   B N1    1 
ATOM   203 C  C2    . G   B 1 1 ? 9.341   -5.486  -3.239  1.00 9.85  ? 10 G   B C2    1 
ATOM   204 N  N2    . G   B 1 1 ? 9.542   -4.989  -4.440  1.00 9.36  ? 10 G   B N2    1 
ATOM   205 N  N3    . G   B 1 1 ? 10.150  -5.158  -2.241  1.00 10.01 ? 10 G   B N3    1 
ATOM   206 C  C4    . G   B 1 1 ? 9.759   -5.736  -1.083  1.00 10.44 ? 10 G   B C4    1 
ATOM   207 P  P     . C   B 1 2 ? 10.406  -0.475  1.793   1.00 10.86 ? 11 C   B P     1 
ATOM   208 O  OP1   . C   B 1 2 ? 10.973  0.808   2.283   1.00 10.33 ? 11 C   B OP1   1 
ATOM   209 O  OP2   . C   B 1 2 ? 9.121   -0.977  2.337   1.00 10.54 ? 11 C   B OP2   1 
ATOM   210 O  "O5'" . C   B 1 2 ? 10.177  -0.309  0.219   1.00 9.71  ? 11 C   B "O5'" 1 
ATOM   211 C  "C5'" . C   B 1 2 ? 11.169  0.182   -0.682  1.00 8.26  ? 11 C   B "C5'" 1 
ATOM   212 C  "C4'" . C   B 1 2 ? 10.683  -0.004  -2.115  1.00 7.50  ? 11 C   B "C4'" 1 
ATOM   213 O  "O4'" . C   B 1 2 ? 10.440  -1.394  -2.359  1.00 7.11  ? 11 C   B "O4'" 1 
ATOM   214 C  "C3'" . C   B 1 2 ? 9.321   0.684   -2.341  1.00 6.83  ? 11 C   B "C3'" 1 
ATOM   215 O  "O3'" . C   B 1 2 ? 9.372   2.117   -2.469  1.00 6.96  ? 11 C   B "O3'" 1 
ATOM   216 C  "C2'" . C   B 1 2 ? 8.890   -0.048  -3.597  1.00 6.45  ? 11 C   B "C2'" 1 
ATOM   217 O  "O2'" . C   B 1 2 ? 9.569   0.389   -4.764  1.00 5.65  ? 11 C   B "O2'" 1 
ATOM   218 C  "C1'" . C   B 1 2 ? 9.300   -1.478  -3.233  1.00 6.30  ? 11 C   B "C1'" 1 
ATOM   219 N  N1    . C   B 1 2 ? 8.167   -2.198  -2.603  1.00 5.94  ? 11 C   B N1    1 
ATOM   220 C  C2    . C   B 1 2 ? 7.191   -2.700  -3.440  1.00 5.37  ? 11 C   B C2    1 
ATOM   221 O  O2    . C   B 1 2 ? 7.206   -2.462  -4.647  1.00 4.98  ? 11 C   B O2    1 
ATOM   222 N  N3    . C   B 1 2 ? 6.198   -3.441  -2.890  1.00 5.17  ? 11 C   B N3    1 
ATOM   223 C  C4    . C   B 1 2 ? 6.189   -3.707  -1.582  1.00 4.87  ? 11 C   B C4    1 
ATOM   224 N  N4    . C   B 1 2 ? 5.292   -4.563  -1.123  1.00 4.60  ? 11 C   B N4    1 
ATOM   225 C  C5    . C   B 1 2 ? 7.141   -3.138  -0.689  1.00 5.40  ? 11 C   B C5    1 
ATOM   226 C  C6    . C   B 1 2 ? 8.103   -2.378  -1.249  1.00 5.70  ? 11 C   B C6    1 
ATOM   227 P  P     . U   B 1 3 ? 8.141   3.125   -2.169  1.00 7.18  ? 12 U   B P     1 
ATOM   228 O  OP1   . U   B 1 3 ? 8.576   4.535   -2.353  1.00 7.11  ? 12 U   B OP1   1 
ATOM   229 O  OP2   . U   B 1 3 ? 7.643   2.688   -0.846  1.00 7.46  ? 12 U   B OP2   1 
ATOM   230 O  "O5'" . U   B 1 3 ? 6.977   2.797   -3.240  1.00 6.36  ? 12 U   B "O5'" 1 
ATOM   231 C  "C5'" . U   B 1 3 ? 7.092   3.052   -4.645  1.00 5.57  ? 12 U   B "C5'" 1 
ATOM   232 C  "C4'" . U   B 1 3 ? 5.947   2.447   -5.449  1.00 5.21  ? 12 U   B "C4'" 1 
ATOM   233 O  "O4'" . U   B 1 3 ? 5.912   1.027   -5.277  1.00 5.08  ? 12 U   B "O4'" 1 
ATOM   234 C  "C3'" . U   B 1 3 ? 4.597   2.927   -4.920  1.00 5.23  ? 12 U   B "C3'" 1 
ATOM   235 O  "O3'" . U   B 1 3 ? 4.302   4.269   -5.314  1.00 4.72  ? 12 U   B "O3'" 1 
ATOM   236 C  "C2'" . U   B 1 3 ? 3.658   1.835   -5.417  1.00 4.68  ? 12 U   B "C2'" 1 
ATOM   237 O  "O2'" . U   B 1 3 ? 3.291   1.986   -6.796  1.00 4.69  ? 12 U   B "O2'" 1 
ATOM   238 C  "C1'" . U   B 1 3 ? 4.549   0.608   -5.207  1.00 4.90  ? 12 U   B "C1'" 1 
ATOM   239 N  N1    . U   B 1 3 ? 4.274   -0.089  -3.937  1.00 4.88  ? 12 U   B N1    1 
ATOM   240 C  C2    . U   B 1 3 ? 3.193   -0.945  -3.904  1.00 4.56  ? 12 U   B C2    1 
ATOM   241 O  O2    . U   B 1 3 ? 2.406   -1.089  -4.833  1.00 4.83  ? 12 U   B O2    1 
ATOM   242 N  N3    . U   B 1 3 ? 2.971   -1.603  -2.730  1.00 4.50  ? 12 U   B N3    1 
ATOM   243 C  C4    . U   B 1 3 ? 3.628   -1.392  -1.542  1.00 4.69  ? 12 U   B C4    1 
ATOM   244 O  O4    . U   B 1 3 ? 3.243   -1.957  -0.521  1.00 4.65  ? 12 U   B O4    1 
ATOM   245 C  C5    . U   B 1 3 ? 4.739   -0.474  -1.639  1.00 4.71  ? 12 U   B C5    1 
ATOM   246 C  C6    . U   B 1 3 ? 5.043   0.116   -2.814  1.00 4.79  ? 12 U   B C6    1 
ATOM   247 P  P     . U   B 1 4 ? 3.003   5.077   -4.833  1.00 6.00  ? 13 U   B P     1 
ATOM   248 O  OP1   . U   B 1 4 ? 3.325   6.499   -5.069  1.00 6.50  ? 13 U   B OP1   1 
ATOM   249 O  OP2   . U   B 1 4 ? 2.595   4.638   -3.483  1.00 6.25  ? 13 U   B OP2   1 
ATOM   250 O  "O5'" . U   B 1 4 ? 1.763   4.722   -5.782  1.00 6.12  ? 13 U   B "O5'" 1 
ATOM   251 C  "C5'" . U   B 1 4 ? 1.712   5.158   -7.147  1.00 5.72  ? 13 U   B "C5'" 1 
ATOM   252 C  "C4'" . U   B 1 4 ? 0.463   4.685   -7.867  1.00 6.29  ? 13 U   B "C4'" 1 
ATOM   253 O  "O4'" . U   B 1 4 ? 0.399   3.244   -8.011  1.00 6.13  ? 13 U   B "O4'" 1 
ATOM   254 C  "C3'" . U   B 1 4 ? -0.798  5.088   -7.101  1.00 6.64  ? 13 U   B "C3'" 1 
ATOM   255 O  "O3'" . U   B 1 4 ? -1.145  6.480   -7.243  1.00 7.24  ? 13 U   B "O3'" 1 
ATOM   256 C  "C2'" . U   B 1 4 ? -1.796  4.094   -7.687  1.00 6.47  ? 13 U   B "C2'" 1 
ATOM   257 O  "O2'" . U   B 1 4 ? -2.148  4.426   -9.045  1.00 6.63  ? 13 U   B "O2'" 1 
ATOM   258 C  "C1'" . U   B 1 4 ? -0.935  2.814   -7.661  1.00 6.06  ? 13 U   B "C1'" 1 
ATOM   259 N  N1    . U   B 1 4 ? -1.006  2.098   -6.347  1.00 5.56  ? 13 U   B N1    1 
ATOM   260 C  C2    . U   B 1 4 ? -2.101  1.288   -6.129  1.00 5.52  ? 13 U   B C2    1 
ATOM   261 O  O2    . U   B 1 4 ? -3.048  1.233   -6.897  1.00 5.91  ? 13 U   B O2    1 
ATOM   262 N  N3    . U   B 1 4 ? -2.089  0.524   -4.982  1.00 5.14  ? 13 U   B N3    1 
ATOM   263 C  C4    . U   B 1 4 ? -1.123  0.544   -4.011  1.00 4.79  ? 13 U   B C4    1 
ATOM   264 O  O4    . U   B 1 4 ? -1.271  -0.100  -2.982  1.00 4.83  ? 13 U   B O4    1 
ATOM   265 C  C5    . U   B 1 4 ? 0.004   1.390   -4.320  1.00 5.23  ? 13 U   B C5    1 
ATOM   266 C  C6    . U   B 1 4 ? 0.021   2.129   -5.445  1.00 5.20  ? 13 U   B C6    1 
ATOM   267 P  P     . C   B 1 5 ? -1.905  7.278   -6.091  1.00 8.65  ? 14 C   B P     1 
ATOM   268 O  OP1   . C   B 1 5 ? -2.107  8.630   -6.648  1.00 8.59  ? 14 C   B OP1   1 
ATOM   269 O  OP2   . C   B 1 5 ? -1.283  7.129   -4.748  1.00 7.94  ? 14 C   B OP2   1 
ATOM   270 O  "O5'" . C   B 1 5 ? -3.339  6.569   -5.964  1.00 9.04  ? 14 C   B "O5'" 1 
ATOM   271 C  "C5'" . C   B 1 5 ? -4.312  6.640   -7.013  1.00 9.97  ? 14 C   B "C5'" 1 
ATOM   272 C  "C4'" . C   B 1 5 ? -5.493  5.711   -6.752  1.00 10.65 ? 14 C   B "C4'" 1 
ATOM   273 O  "O4'" . C   B 1 5 ? -5.090  4.352   -6.532  1.00 10.76 ? 14 C   B "O4'" 1 
ATOM   274 C  "C3'" . C   B 1 5 ? -6.193  6.045   -5.462  1.00 11.28 ? 14 C   B "C3'" 1 
ATOM   275 O  "O3'" . C   B 1 5 ? -6.877  7.299   -5.471  1.00 11.92 ? 14 C   B "O3'" 1 
ATOM   276 C  "C2'" . C   B 1 5 ? -7.017  4.789   -5.204  1.00 11.02 ? 14 C   B "C2'" 1 
ATOM   277 O  "O2'" . C   B 1 5 ? -8.148  4.607   -6.085  1.00 11.72 ? 14 C   B "O2'" 1 
ATOM   278 C  "C1'" . C   B 1 5 ? -5.921  3.756   -5.510  1.00 10.62 ? 14 C   B "C1'" 1 
ATOM   279 N  N1    . C   B 1 5 ? -5.137  3.392   -4.291  1.00 9.71  ? 14 C   B N1    1 
ATOM   280 C  C2    . C   B 1 5 ? -5.689  2.476   -3.397  1.00 9.56  ? 14 C   B C2    1 
ATOM   281 O  O2    . C   B 1 5 ? -6.804  1.986   -3.581  1.00 9.70  ? 14 C   B O2    1 
ATOM   282 N  N3    . C   B 1 5 ? -4.943  2.104   -2.317  1.00 9.24  ? 14 C   B N3    1 
ATOM   283 C  C4    . C   B 1 5 ? -3.685  2.505   -2.187  1.00 8.91  ? 14 C   B C4    1 
ATOM   284 N  N4    . C   B 1 5 ? -2.968  2.004   -1.192  1.00 8.40  ? 14 C   B N4    1 
ATOM   285 C  C5    . C   B 1 5 ? -3.096  3.441   -3.094  1.00 8.84  ? 14 C   B C5    1 
ATOM   286 C  C6    . C   B 1 5 ? -3.863  3.854   -4.121  1.00 9.15  ? 14 C   B C6    1 
ATOM   287 P  P     . G   B 1 6 ? -6.827  8.120   -4.096  1.00 14.29 ? 15 G   B P     1 
ATOM   288 O  OP1   . G   B 1 6 ? -7.623  9.245   -4.636  1.00 15.43 ? 15 G   B OP1   1 
ATOM   289 O  OP2   . G   B 1 6 ? -5.657  8.372   -3.203  1.00 14.79 ? 15 G   B OP2   1 
ATOM   290 O  "O5'" . G   B 1 6 ? -7.832  7.097   -3.372  1.00 14.28 ? 15 G   B "O5'" 1 
ATOM   291 C  "C5'" . G   B 1 6 ? -8.168  7.157   -1.991  1.00 13.75 ? 15 G   B "C5'" 1 
ATOM   292 C  "C4'" . G   B 1 6 ? -8.657  5.823   -1.472  1.00 13.35 ? 15 G   B "C4'" 1 
ATOM   293 O  "O4'" . G   B 1 6 ? -7.654  4.827   -1.710  1.00 13.13 ? 15 G   B "O4'" 1 
ATOM   294 C  "C3'" . G   B 1 6 ? -8.814  5.882   0.044   1.00 13.88 ? 15 G   B "C3'" 1 
ATOM   295 O  "O3'" . G   B 1 6 ? -9.991  6.615   0.497   1.00 14.62 ? 15 G   B "O3'" 1 
ATOM   296 C  "C2'" . G   B 1 6 ? -8.690  4.414   0.403   1.00 13.13 ? 15 G   B "C2'" 1 
ATOM   297 O  "O2'" . G   B 1 6 ? -9.875  3.683   0.071   1.00 14.01 ? 15 G   B "O2'" 1 
ATOM   298 C  "C1'" . G   B 1 6 ? -7.532  4.013   -0.535  1.00 12.72 ? 15 G   B "C1'" 1 
ATOM   299 N  N9    . G   B 1 6 ? -6.174  4.262   0.008   1.00 11.77 ? 15 G   B N9    1 
ATOM   300 C  C8    . G   B 1 6 ? -5.220  5.121   -0.449  1.00 11.15 ? 15 G   B C8    1 
ATOM   301 N  N7    . G   B 1 6 ? -4.086  5.076   0.199   1.00 10.91 ? 15 G   B N7    1 
ATOM   302 C  C5    . G   B 1 6 ? -4.298  4.033   1.102   1.00 10.71 ? 15 G   B C5    1 
ATOM   303 C  C6    . G   B 1 6 ? -3.474  3.580   2.163   1.00 10.65 ? 15 G   B C6    1 
ATOM   304 O  O6    . G   B 1 6 ? -2.320  3.939   2.420   1.00 10.38 ? 15 G   B O6    1 
ATOM   305 N  N1    . G   B 1 6 ? -4.146  2.704   2.993   1.00 10.63 ? 15 G   B N1    1 
ATOM   306 C  C2    . G   B 1 6 ? -5.427  2.277   2.798   1.00 10.70 ? 15 G   B C2    1 
ATOM   307 N  N2    . G   B 1 6 ? -5.887  1.411   3.675   1.00 10.91 ? 15 G   B N2    1 
ATOM   308 N  N3    . G   B 1 6 ? -6.201  2.655   1.795   1.00 11.05 ? 15 G   B N3    1 
ATOM   309 C  C4    . G   B 1 6 ? -5.579  3.555   1.006   1.00 11.14 ? 15 G   B C4    1 
ATOM   310 P  P     . G   B 1 7 ? -9.916  7.810   1.620   1.00 16.14 ? 16 G   B P     1 
ATOM   311 O  OP1   . G   B 1 7 ? -11.301 8.338   1.605   1.00 16.54 ? 16 G   B OP1   1 
ATOM   312 O  OP2   . G   B 1 7 ? -8.777  8.751   1.532   1.00 16.33 ? 16 G   B OP2   1 
ATOM   313 O  "O5'" . G   B 1 7 ? -9.707  6.968   2.972   1.00 16.43 ? 16 G   B "O5'" 1 
ATOM   314 C  "C5'" . G   B 1 7 ? -10.594 5.904   3.367   1.00 16.25 ? 16 G   B "C5'" 1 
ATOM   315 C  "C4'" . G   B 1 7 ? -9.950  4.964   4.381   1.00 16.07 ? 16 G   B "C4'" 1 
ATOM   316 O  "O4'" . G   B 1 7 ? -8.788  4.316   3.854   1.00 15.28 ? 16 G   B "O4'" 1 
ATOM   317 C  "C3'" . G   B 1 7 ? -9.480  5.738   5.614   1.00 16.45 ? 16 G   B "C3'" 1 
ATOM   318 O  "O3'" . G   B 1 7 ? -10.580 6.119   6.474   1.00 17.83 ? 16 G   B "O3'" 1 
ATOM   319 C  "C2'" . G   B 1 7 ? -8.484  4.761   6.209   1.00 15.56 ? 16 G   B "C2'" 1 
ATOM   320 O  "O2'" . G   B 1 7 ? -9.138  3.691   6.901   1.00 15.49 ? 16 G   B "O2'" 1 
ATOM   321 C  "C1'" . G   B 1 7 ? -7.818  4.254   4.911   1.00 14.93 ? 16 G   B "C1'" 1 
ATOM   322 N  N9    . G   B 1 7 ? -6.606  5.008   4.544   1.00 13.95 ? 16 G   B N9    1 
ATOM   323 C  C8    . G   B 1 7 ? -6.406  5.923   3.539   1.00 13.62 ? 16 G   B C8    1 
ATOM   324 N  N7    . G   B 1 7 ? -5.170  6.350   3.450   1.00 13.55 ? 16 G   B N7    1 
ATOM   325 C  C5    . G   B 1 7 ? -4.548  5.756   4.547   1.00 13.28 ? 16 G   B C5    1 
ATOM   326 C  C6    . G   B 1 7 ? -3.210  5.864   5.005   1.00 13.09 ? 16 G   B C6    1 
ATOM   327 O  O6    . G   B 1 7 ? -2.294  6.525   4.509   1.00 12.98 ? 16 G   B O6    1 
ATOM   328 N  N1    . G   B 1 7 ? -3.007  5.096   6.137   1.00 12.73 ? 16 G   B N1    1 
ATOM   329 C  C2    . G   B 1 7 ? -3.934  4.264   6.688   1.00 12.71 ? 16 G   B C2    1 
ATOM   330 N  N2    . G   B 1 7 ? -3.583  3.605   7.764   1.00 12.53 ? 16 G   B N2    1 
ATOM   331 N  N3    . G   B 1 7 ? -5.155  4.092   6.225   1.00 13.02 ? 16 G   B N3    1 
ATOM   332 C  C4    . G   B 1 7 ? -5.409  4.902   5.182   1.00 13.50 ? 16 G   B C4    1 
ATOM   333 P  P     . C   B 1 8 ? -10.588 7.455   7.377   1.00 20.85 ? 17 C   B P     1 
ATOM   334 O  OP1   . C   B 1 8 ? -11.911 7.294   8.025   1.00 21.64 ? 17 C   B OP1   1 
ATOM   335 O  OP2   . C   B 1 8 ? -10.317 8.662   6.565   1.00 21.26 ? 17 C   B OP2   1 
ATOM   336 O  "O5'" . C   B 1 8 ? -9.446  7.372   8.516   1.00 22.14 ? 17 C   B "O5'" 1 
ATOM   337 C  "C5'" . C   B 1 8 ? -9.493  6.384   9.563   1.00 23.15 ? 17 C   B "C5'" 1 
ATOM   338 C  "C4'" . C   B 1 8 ? -8.132  6.072   10.215  1.00 23.83 ? 17 C   B "C4'" 1 
ATOM   339 O  "O4'" . C   B 1 8 ? -7.149  5.562   9.287   1.00 23.52 ? 17 C   B "O4'" 1 
ATOM   340 C  "C3'" . C   B 1 8 ? -7.460  7.282   10.831  1.00 24.66 ? 17 C   B "C3'" 1 
ATOM   341 O  "O3'" . C   B 1 8 ? -8.172  7.818   11.959  1.00 26.08 ? 17 C   B "O3'" 1 
ATOM   342 C  "C2'" . C   B 1 8 ? -6.061  6.700   11.082  1.00 23.88 ? 17 C   B "C2'" 1 
ATOM   343 O  "O2'" . C   B 1 8 ? -5.993  5.741   12.147  1.00 23.94 ? 17 C   B "O2'" 1 
ATOM   344 C  "C1'" . C   B 1 8 ? -5.848  5.988   9.746   1.00 23.32 ? 17 C   B "C1'" 1 
ATOM   345 N  N1    . C   B 1 8 ? -5.168  6.866   8.761   1.00 22.58 ? 17 C   B N1    1 
ATOM   346 C  C2    . C   B 1 8 ? -3.794  6.993   8.839   1.00 22.27 ? 17 C   B C2    1 
ATOM   347 O  O2    . C   B 1 8 ? -3.127  6.376   9.655   1.00 22.27 ? 17 C   B O2    1 
ATOM   348 N  N3    . C   B 1 8 ? -3.166  7.807   7.969   1.00 22.14 ? 17 C   B N3    1 
ATOM   349 C  C4    . C   B 1 8 ? -3.853  8.405   7.004   1.00 22.17 ? 17 C   B C4    1 
ATOM   350 N  N4    . C   B 1 8 ? -3.174  9.081   6.100   1.00 22.44 ? 17 C   B N4    1 
ATOM   351 C  C5    . C   B 1 8 ? -5.267  8.284   6.883   1.00 22.34 ? 17 C   B C5    1 
ATOM   352 C  C6    . C   B 1 8 ? -5.877  7.497   7.783   1.00 22.31 ? 17 C   B C6    1 
HETATM 353 N  N1    A BRU B 1 9 ? -2.749  10.671  11.526  0.50 27.12 ? 18 BRU B N1    1 
HETATM 354 N  N1    B BRU B 1 9 ? -6.081  11.938  7.298   0.50 36.25 ? 18 BRU B N1    1 
HETATM 355 C  C2    A BRU B 1 9 ? -1.643  10.892  10.726  0.50 27.27 ? 18 BRU B C2    1 
HETATM 356 C  C2    B BRU B 1 9 ? -5.361  11.323  8.327   0.50 36.76 ? 18 BRU B C2    1 
HETATM 357 N  N3    A BRU B 1 9 ? -1.893  11.195  9.416   0.50 27.38 ? 18 BRU B N3    1 
HETATM 358 N  N3    B BRU B 1 9 ? -4.033  11.625  8.400   0.50 37.08 ? 18 BRU B N3    1 
HETATM 359 C  C4    A BRU B 1 9 ? -3.132  11.305  8.845   0.50 27.64 ? 18 BRU B C4    1 
HETATM 360 C  C4    B BRU B 1 9 ? -3.301  12.245  7.432   0.50 37.40 ? 18 BRU B C4    1 
HETATM 361 C  C5    A BRU B 1 9 ? -4.210  11.078  9.627   0.50 27.75 ? 18 BRU B C5    1 
HETATM 362 C  C5    B BRU B 1 9 ? -3.947  12.621  6.302   0.50 37.31 ? 18 BRU B C5    1 
HETATM 363 C  C6    A BRU B 1 9 ? -4.005  10.769  11.009  0.50 27.57 ? 18 BRU B C6    1 
HETATM 364 C  C6    B BRU B 1 9 ? -5.401  12.584  6.292   0.50 36.95 ? 18 BRU B C6    1 
HETATM 365 O  O2    A BRU B 1 9 ? -0.486  10.850  11.122  0.50 27.27 ? 18 BRU B O2    1 
HETATM 366 O  O2    B BRU B 1 9 ? -5.806  10.485  9.101   0.50 36.83 ? 18 BRU B O2    1 
HETATM 367 O  O4    A BRU B 1 9 ? -3.220  11.596  7.657   0.50 27.73 ? 18 BRU B O4    1 
HETATM 368 O  O4    B BRU B 1 9 ? -2.104  12.424  7.616   0.50 37.48 ? 18 BRU B O4    1 
HETATM 369 BR BR    A BRU B 1 9 ? -5.983  11.085  9.007   0.50 28.90 ? 18 BRU B BR    1 
HETATM 370 BR BR    B BRU B 1 9 ? -2.984  13.041  4.732   0.50 39.20 ? 18 BRU B BR    1 
HETATM 371 C  "C1'" A BRU B 1 9 ? -2.555  10.096  12.875  0.50 26.76 ? 18 BRU B "C1'" 1 
HETATM 372 C  "C1'" B BRU B 1 9 ? -7.577  11.828  7.267   0.50 35.22 ? 18 BRU B "C1'" 1 
HETATM 373 C  "C2'" A BRU B 1 9 ? -2.865  11.128  13.960  0.50 26.61 ? 18 BRU B "C2'" 1 
HETATM 374 C  "C2'" B BRU B 1 9 ? -8.029  10.484  6.705   0.50 34.68 ? 18 BRU B "C2'" 1 
HETATM 375 C  "C3'" A BRU B 1 9 ? -3.395  10.255  15.073  0.50 26.51 ? 18 BRU B "C3'" 1 
HETATM 376 C  "C3'" B BRU B 1 9 ? -9.336  10.204  7.438   0.50 34.17 ? 18 BRU B "C3'" 1 
HETATM 377 C  "C4'" A BRU B 1 9 ? -4.221  9.238   14.289  0.50 26.50 ? 18 BRU B "C4'" 1 
HETATM 378 C  "C4'" B BRU B 1 9 ? -9.158  10.882  8.784   0.50 33.71 ? 18 BRU B "C4'" 1 
HETATM 379 O  "O3'" A BRU B 1 9 ? -2.289  9.639   15.744  0.50 26.44 ? 18 BRU B "O3'" 1 
HETATM 380 O  "O3'" B BRU B 1 9 ? -10.476 10.707  6.724   0.50 34.30 ? 18 BRU B "O3'" 1 
HETATM 381 O  "O4'" A BRU B 1 9 ? -3.491  9.015   13.063  0.50 26.51 ? 18 BRU B "O4'" 1 
HETATM 382 O  "O4'" B BRU B 1 9 ? -8.177  11.931  8.579   0.50 34.53 ? 18 BRU B "O4'" 1 
HETATM 383 C  "C5'" A BRU B 1 9 ? -5.631  9.787   13.997  0.50 26.43 ? 18 BRU B "C5'" 1 
HETATM 384 C  "C5'" B BRU B 1 9 ? -8.737  9.825   9.820   0.50 32.30 ? 18 BRU B "C5'" 1 
HETATM 385 O  "O5'" A BRU B 1 9 ? -6.412  8.892   13.200  0.50 26.39 ? 18 BRU B "O5'" 1 
HETATM 386 O  "O5'" B BRU B 1 9 ? -8.575  10.322  11.153  0.50 31.06 ? 18 BRU B "O5'" 1 
HETATM 387 P  P     A BRU B 1 9 ? -7.843  9.277   12.572  0.50 26.27 ? 18 BRU B P     1 
HETATM 388 P  P     B BRU B 1 9 ? -7.824  9.389   12.234  0.50 29.32 ? 18 BRU B P     1 
HETATM 389 O  OP1   A BRU B 1 9 ? -8.851  9.242   13.657  0.50 26.49 ? 18 BRU B OP1   1 
HETATM 390 O  OP1   B BRU B 1 9 ? -6.498  9.970   12.548  0.50 29.77 ? 18 BRU B OP1   1 
HETATM 391 O  OP2   A BRU B 1 9 ? -7.667  10.500  11.751  0.50 26.22 ? 18 BRU B OP2   1 
HETATM 392 O  OP2   B BRU B 1 9 ? -8.771  9.048   13.325  0.50 29.98 ? 18 BRU B OP2   1 
HETATM 393 RH RH    . RHD C 2 . ? 0.268   -7.550  -0.631  1.00 12.65 ? 19 RHD A RH    1 
HETATM 394 N  N1    . RHD C 2 . ? -1.687  -6.967  -0.125  1.00 13.02 ? 19 RHD A N1    1 
HETATM 395 N  N2    . RHD C 2 . ? 0.907   -7.104  1.309   1.00 12.94 ? 19 RHD A N2    1 
HETATM 396 N  N3    . RHD C 2 . ? 2.191   -8.182  -1.180  1.00 13.27 ? 19 RHD A N3    1 
HETATM 397 N  N4    . RHD C 2 . ? -0.404  -8.046  -2.577  1.00 13.06 ? 19 RHD A N4    1 
HETATM 398 N  N5    . RHD C 2 . ? -0.216  -9.511  -0.016  1.00 13.37 ? 19 RHD A N5    1 
HETATM 399 N  N6    . RHD C 2 . ? 0.712   -5.626  -1.284  1.00 13.22 ? 19 RHD A N6    1 
HETATM 400 RH RH    . RHD D 2 . ? -5.792  -16.258 0.546   1.00 16.13 ? 20 RHD A RH    1 
HETATM 401 N  N1    . RHD D 2 . ? -7.355  -17.584 0.085   1.00 16.36 ? 20 RHD A N1    1 
HETATM 402 N  N2    . RHD D 2 . ? -6.598  -15.993 2.477   1.00 16.16 ? 20 RHD A N2    1 
HETATM 403 N  N3    . RHD D 2 . ? -4.203  -14.978 1.044   1.00 16.27 ? 20 RHD A N3    1 
HETATM 404 N  N4    . RHD D 2 . ? -5.011  -16.556 -1.381  1.00 16.28 ? 20 RHD A N4    1 
HETATM 405 N  N5    . RHD D 2 . ? -4.771  -17.963 1.208   1.00 16.15 ? 20 RHD A N5    1 
HETATM 406 N  N6    . RHD D 2 . ? -6.898  -14.596 -0.107  1.00 16.47 ? 20 RHD A N6    1 
HETATM 407 RH RH    . RHD E 2 . ? 7.245   -17.234 -16.671 0.30 14.62 ? 22 RHD A RH    1 
HETATM 408 N  N1    . RHD E 2 . ? 6.584   -15.496 -17.647 0.30 14.61 ? 22 RHD A N1    1 
HETATM 409 N  N2    . RHD E 2 . ? 6.067   -16.740 -15.008 0.30 14.54 ? 22 RHD A N2    1 
HETATM 410 N  N3    . RHD E 2 . ? 7.897   -18.967 -15.687 0.30 14.62 ? 22 RHD A N3    1 
HETATM 411 N  N4    . RHD E 2 . ? 8.414   -17.722 -18.345 0.30 14.59 ? 22 RHD A N4    1 
HETATM 412 N  N5    . RHD E 2 . ? 5.638   -18.312 -17.491 0.30 14.62 ? 22 RHD A N5    1 
HETATM 413 N  N6    . RHD E 2 . ? 8.842   -16.164 -15.834 0.30 14.57 ? 22 RHD A N6    1 
HETATM 414 RH RH    . RHD F 2 . ? -0.949  7.401   0.443   0.35 14.51 ? 21 RHD B RH    1 
HETATM 415 N  N1    . RHD F 2 . ? -2.385  7.048   1.928   0.35 14.34 ? 21 RHD B N1    1 
HETATM 416 N  N2    . RHD F 2 . ? -0.447  9.217   1.357   0.35 14.36 ? 21 RHD B N2    1 
HETATM 417 N  N3    . RHD F 2 . ? 0.420   7.701   -1.116  0.35 14.26 ? 21 RHD B N3    1 
HETATM 418 N  N4    . RHD F 2 . ? -1.485  5.575   -0.447  0.35 14.24 ? 21 RHD B N4    1 
HETATM 419 N  N5    . RHD F 2 . ? 0.536   6.406   1.547   0.35 14.29 ? 21 RHD B N5    1 
HETATM 420 N  N6    . RHD F 2 . ? -2.441  8.347   -0.684  0.35 14.18 ? 21 RHD B N6    1 
HETATM 421 O  O     . HOH G 3 . ? -5.130  -0.273  6.159   1.00 9.22  ? 23 HOH A O     1 
HETATM 422 O  O     . HOH G 3 . ? 1.337   0.225   -7.981  1.00 9.65  ? 25 HOH A O     1 
HETATM 423 O  O     . HOH G 3 . ? 2.379   -9.418  -3.807  1.00 16.85 ? 26 HOH A O     1 
HETATM 424 O  O     . HOH G 3 . ? 14.009  -12.548 -11.873 1.00 5.63  ? 27 HOH A O     1 
HETATM 425 O  O     . HOH G 3 . ? 15.688  -9.087  -13.257 1.00 8.29  ? 28 HOH A O     1 
HETATM 426 O  O     . HOH G 3 . ? -8.320  -5.798  -5.014  1.00 11.88 ? 29 HOH A O     1 
HETATM 427 O  O     . HOH G 3 . ? -0.479  0.964   1.677   1.00 16.95 ? 30 HOH A O     1 
HETATM 428 O  O     . HOH G 3 . ? 3.071   -1.741  -8.802  1.00 15.66 ? 31 HOH A O     1 
HETATM 429 O  O     . HOH G 3 . ? 5.539   -10.397 -10.567 1.00 11.50 ? 33 HOH A O     1 
HETATM 430 O  O     . HOH G 3 . ? 3.432   -11.871 -10.691 1.00 18.66 ? 35 HOH A O     1 
HETATM 431 O  O     . HOH G 3 . ? 0.805   -0.775  3.708   1.00 14.01 ? 36 HOH A O     1 
HETATM 432 O  O     . HOH G 3 . ? 2.947   -9.819  -7.884  1.00 18.41 ? 37 HOH A O     1 
HETATM 433 O  O     . HOH G 3 . ? 5.505   -2.066  -11.259 1.00 12.17 ? 38 HOH A O     1 
HETATM 434 O  O     . HOH G 3 . ? 12.458  -5.923  -11.948 1.00 15.54 ? 41 HOH A O     1 
HETATM 435 O  O     . HOH G 3 . ? -7.949  -1.410  6.164   1.00 10.72 ? 43 HOH A O     1 
HETATM 436 O  O     . HOH G 3 . ? -0.495  0.084   -10.285 1.00 21.85 ? 47 HOH A O     1 
HETATM 437 O  O     . HOH G 3 . ? -6.581  -9.950  4.324   1.00 20.26 ? 48 HOH A O     1 
HETATM 438 O  O     . HOH G 3 . ? 7.289   0.183   5.678   1.00 12.84 ? 51 HOH A O     1 
HETATM 439 O  O     . HOH G 3 . ? 0.048   -2.187  0.423   1.00 13.56 ? 53 HOH A O     1 
HETATM 440 O  O     . HOH G 3 . ? 3.094   -5.328  5.713   1.00 27.57 ? 54 HOH A O     1 
HETATM 441 O  O     . HOH G 3 . ? 1.358   -9.625  -6.084  1.00 15.10 ? 56 HOH A O     1 
HETATM 442 O  O     . HOH G 3 . ? -3.164  -3.928  -9.400  1.00 14.84 ? 57 HOH A O     1 
HETATM 443 O  O     . HOH G 3 . ? -1.000  -4.487  1.819   1.00 21.50 ? 59 HOH A O     1 
HETATM 444 O  O     . HOH G 3 . ? 5.623   2.101   5.325   1.00 38.09 ? 60 HOH A O     1 
HETATM 445 O  O     . HOH G 3 . ? 8.338   0.173   6.647   1.00 31.76 ? 61 HOH A O     1 
HETATM 446 O  O     . HOH G 3 . ? 4.255   -9.468  -14.350 1.00 27.48 ? 63 HOH A O     1 
HETATM 447 O  O     . HOH G 3 . ? 8.236   -5.006  -14.523 1.00 33.23 ? 64 HOH A O     1 
HETATM 448 O  O     . HOH G 3 . ? -8.469  -2.455  -0.357  1.00 25.22 ? 65 HOH A O     1 
HETATM 449 O  O     . HOH G 3 . ? -8.727  -4.929  2.031   1.00 24.48 ? 66 HOH A O     1 
HETATM 450 O  O     . HOH G 3 . ? -2.785  3.185   11.452  1.00 32.27 ? 73 HOH A O     1 
HETATM 451 O  O     . HOH G 3 . ? 0.282   5.405   12.949  1.00 34.31 ? 74 HOH A O     1 
HETATM 452 O  O     . HOH H 3 . ? -4.180  -1.024  -4.345  1.00 11.20 ? 24 HOH B O     1 
HETATM 453 O  O     . HOH H 3 . ? 11.403  2.620   -4.953  1.00 16.63 ? 32 HOH B O     1 
HETATM 454 O  O     . HOH H 3 . ? -0.056  5.322   -2.916  1.00 14.68 ? 34 HOH B O     1 
HETATM 455 O  O     . HOH H 3 . ? -7.066  4.103   -14.198 1.00 21.62 ? 39 HOH B O     1 
HETATM 456 O  O     . HOH H 3 . ? -6.117  0.478   -0.594  1.00 12.16 ? 40 HOH B O     1 
HETATM 457 O  O     . HOH H 3 . ? 2.399   2.169   -1.926  1.00 15.78 ? 42 HOH B O     1 
HETATM 458 O  O     . HOH H 3 . ? 18.651  -3.267  2.668   1.00 29.79 ? 44 HOH B O     1 
HETATM 459 O  O     . HOH H 3 . ? -6.088  0.792   -7.232  1.00 31.35 ? 45 HOH B O     1 
HETATM 460 O  O     . HOH H 3 . ? -0.090  3.170   -0.415  1.00 30.60 ? 46 HOH B O     1 
HETATM 461 O  O     . HOH H 3 . ? 6.025   -6.660  2.241   1.00 35.22 ? 49 HOH B O     1 
HETATM 462 O  O     . HOH H 3 . ? 4.342   -1.860  2.299   1.00 21.75 ? 50 HOH B O     1 
HETATM 463 O  O     . HOH H 3 . ? -7.240  13.089  11.949  1.00 27.03 ? 52 HOH B O     1 
HETATM 464 O  O     . HOH H 3 . ? 5.034   2.953   0.012   1.00 23.07 ? 55 HOH B O     1 
HETATM 465 O  O     . HOH H 3 . ? 7.096   0.622   0.791   1.00 27.43 ? 58 HOH B O     1 
HETATM 466 O  O     . HOH H 3 . ? 8.918   2.885   2.188   1.00 27.21 ? 62 HOH B O     1 
HETATM 467 O  O     . HOH H 3 . ? -4.215  2.224   -9.510  1.00 30.30 ? 67 HOH B O     1 
HETATM 468 O  O     . HOH H 3 . ? -5.244  1.272   8.872   1.00 24.93 ? 68 HOH B O     1 
HETATM 469 O  O     . HOH H 3 . ? -1.593  11.121  -5.038  1.00 37.13 ? 69 HOH B O     1 
HETATM 470 O  O     . HOH H 3 . ? 6.255   7.207   -4.375  1.00 30.01 ? 70 HOH B O     1 
HETATM 471 O  O     . HOH H 3 . ? 6.358   -2.039  2.631   1.00 32.05 ? 71 HOH B O     1 
HETATM 472 O  O     . HOH H 3 . ? 2.287   -4.292  0.812   1.00 30.19 ? 72 HOH B O     1 
HETATM 473 O  O     . HOH H 3 . ? -4.745  9.853   3.727   1.00 33.63 ? 75 HOH B O     1 
HETATM 474 O  O     . HOH H 3 . ? -3.061  5.514   12.911  1.00 39.45 ? 76 HOH B O     1 
# 
